data_6CEY
#
_entry.id   6CEY
#
_cell.length_a   90.250
_cell.length_b   100.240
_cell.length_c   94.010
_cell.angle_alpha   90.00
_cell.angle_beta   105.17
_cell.angle_gamma   90.00
#
_symmetry.space_group_name_H-M   'P 1 21 1'
#
loop_
_entity.id
_entity.type
_entity.pdbx_description
1 polymer 'Bifunctional AAC/APH'
2 non-polymer 'PHOSPHOAMINOPHOSPHONIC ACID-GUANYLATE ESTER'
3 non-polymer 'MAGNESIUM ION'
4 non-polymer 'CHLORIDE ION'
5 non-polymer '(2R,3S,4S,5S,6R)-2-((2S,3S,4R,5R,6R)-5-AMINO-2-(AMINOMETHYL)-6-((2R,3S,4R,5S)-5-((1R,2R,3S,5R,6S)-3,5-DIAMINO-2-((2S,3R ,5S,6R)-3-AMINO-5-HYDROXY-6-(HYDROXYMETHYL)-TETRAHYDRO-2H-PYRAN-2-YLOXY)-6-HYDROXYCYCLOHEXYLOXY)-4-HYDROXY-2-(HYDROXYMET HYL)-TETRAHYDROFURAN-3-YLOXY)-4-HYDROXY-TETRAHYDRO-2H-PYRAN-3-YLOXY)-6-(HYDROXYMETHYL)-TETRAHYDRO-2H-PYRAN-3,4,5-TRIOL'
6 water water
#
_entity_poly.entity_id   1
_entity_poly.type   'polypeptide(L)'
_entity_poly.pdbx_seq_one_letter_code
;MEYRYDDNATNVKAMKYLIEHYFDNFKVDSIEIIGSGYDSVAYLVNNEYIFKTKFSTNKKKGYAKEKAIYNFLNTNLETN
VKIPNIEYSYISDELSILGYKEIKGTFLTPEIYSTMSEEEQNLLKRDIASFLRQMHGLDYTDISECTIDNKQNVLEEYIL
LRETIYNDLTDIEKDYIESFMERLNATTVFEGKKCLCHNDFSCNHLLLDGNNRLTGIIDFGDSGIIDEYCDFIYLLEDSE
EEIGTNFGEDILRMYGNIDIEKAKEYQDIVEEYYPIETIVYGIKNIKQEFIENGRKEIYKRTYKD
;
_entity_poly.pdbx_strand_id   A,B,C,D
#
loop_
_chem_comp.id
_chem_comp.type
_chem_comp.name
_chem_comp.formula
CL non-polymer 'CHLORIDE ION' 'Cl -1'
GNP non-polymer 'PHOSPHOAMINOPHOSPHONIC ACID-GUANYLATE ESTER' 'C10 H17 N6 O13 P3'
LIV non-polymer '(2R,3S,4S,5S,6R)-2-((2S,3S,4R,5R,6R)-5-AMINO-2-(AMINOMETHYL)-6-((2R,3S,4R,5S)-5-((1R,2R,3S,5R,6S)-3,5-DIAMINO-2-((2S,3R ,5S,6R)-3-AMINO-5-HYDROXY-6-(HYDROXYMETHYL)-TETRAHYDRO-2H-PYRAN-2-YLOXY)-6-HYDROXYCYCLOHEXYLOXY)-4-HYDROXY-2-(HYDROXYMET HYL)-TETRAHYDROFURAN-3-YLOXY)-4-HYDROXY-TETRAHYDRO-2H-PYRAN-3-YLOXY)-6-(HYDROXYMETHYL)-TETRAHYDRO-2H-PYRAN-3,4,5-TRIOL' 'C29 H55 N5 O18'
MG non-polymer 'MAGNESIUM ION' 'Mg 2'
#
# COMPACT_ATOMS: atom_id res chain seq x y z
N ASN A 11 21.16 -0.72 -10.68
CA ASN A 11 20.16 -0.08 -9.74
C ASN A 11 19.14 0.64 -10.60
N VAL A 12 19.65 1.40 -11.59
CA VAL A 12 18.81 2.14 -12.44
C VAL A 12 17.76 1.29 -13.20
N LYS A 13 18.15 0.11 -13.68
CA LYS A 13 17.20 -0.77 -14.40
C LYS A 13 16.11 -1.30 -13.49
N ALA A 14 16.53 -1.78 -12.30
CA ALA A 14 15.54 -2.21 -11.30
C ALA A 14 14.51 -1.12 -10.99
N MET A 15 15.00 0.09 -10.74
CA MET A 15 14.11 1.15 -10.37
C MET A 15 13.25 1.61 -11.53
N LYS A 16 13.82 1.64 -12.74
CA LYS A 16 12.99 1.84 -13.92
C LYS A 16 11.86 0.81 -14.00
N TYR A 17 12.17 -0.47 -13.78
CA TYR A 17 11.14 -1.50 -13.76
C TYR A 17 10.05 -1.17 -12.72
N LEU A 18 10.46 -0.84 -11.51
CA LEU A 18 9.48 -0.62 -10.40
C LEU A 18 8.59 0.58 -10.62
N ILE A 19 9.16 1.67 -11.12
CA ILE A 19 8.38 2.83 -11.48
C ILE A 19 7.32 2.47 -12.51
N GLU A 20 7.72 1.81 -13.58
CA GLU A 20 6.75 1.43 -14.61
C GLU A 20 5.72 0.42 -14.12
N HIS A 21 6.10 -0.43 -13.16
CA HIS A 21 5.20 -1.48 -12.69
C HIS A 21 4.18 -0.87 -11.75
N TYR A 22 4.58 0.04 -10.86
CA TYR A 22 3.65 0.58 -9.85
C TYR A 22 2.78 1.78 -10.30
N PHE A 23 3.29 2.55 -11.28
CA PHE A 23 2.59 3.70 -11.82
C PHE A 23 2.28 3.41 -13.28
N ASP A 24 1.08 2.88 -13.44
CA ASP A 24 0.53 2.28 -14.70
C ASP A 24 0.90 2.94 -16.04
N ASN A 25 0.71 4.24 -16.18
CA ASN A 25 0.92 4.77 -17.50
C ASN A 25 2.21 5.51 -17.61
N PHE A 26 3.14 5.33 -16.69
CA PHE A 26 4.32 6.18 -16.68
C PHE A 26 5.42 5.53 -17.48
N LYS A 27 6.03 6.26 -18.41
CA LYS A 27 7.15 5.75 -19.22
C LYS A 27 8.44 6.38 -18.85
N VAL A 28 9.43 5.57 -18.59
CA VAL A 28 10.75 6.05 -18.23
C VAL A 28 11.62 6.09 -19.48
N ASP A 29 11.87 7.30 -20.00
CA ASP A 29 12.78 7.49 -21.17
C ASP A 29 14.21 7.71 -20.71
N SER A 30 14.39 8.28 -19.55
CA SER A 30 15.75 8.35 -18.98
C SER A 30 15.67 8.33 -17.46
N ILE A 31 16.76 7.88 -16.84
CA ILE A 31 16.81 7.75 -15.40
C ILE A 31 18.26 7.75 -14.94
N GLU A 32 18.61 8.66 -14.04
CA GLU A 32 19.92 8.61 -13.40
C GLU A 32 19.79 8.77 -11.89
N ILE A 33 20.81 8.33 -11.16
CA ILE A 33 20.91 8.59 -9.74
C ILE A 33 21.31 10.05 -9.48
N ILE A 34 20.52 10.80 -8.71
CA ILE A 34 20.77 12.24 -8.46
C ILE A 34 21.24 12.43 -7.04
N GLY A 35 20.97 11.46 -6.19
CA GLY A 35 21.44 11.49 -4.84
C GLY A 35 21.15 10.21 -4.12
N SER A 36 21.77 10.02 -2.98
CA SER A 36 21.61 8.78 -2.24
C SER A 36 22.05 8.95 -0.81
N GLY A 37 21.31 8.36 0.12
CA GLY A 37 21.67 8.34 1.52
C GLY A 37 22.16 6.94 1.87
N TYR A 38 22.11 6.65 3.16
CA TYR A 38 22.54 5.35 3.60
C TYR A 38 21.40 4.34 3.49
N ASP A 39 20.18 4.77 3.43
CA ASP A 39 19.14 3.79 3.14
C ASP A 39 18.06 4.29 2.18
N SER A 40 18.40 5.20 1.31
CA SER A 40 17.52 5.62 0.26
C SER A 40 18.32 5.97 -0.99
N VAL A 41 17.63 6.00 -2.13
CA VAL A 41 18.18 6.52 -3.34
C VAL A 41 17.22 7.40 -4.03
N ALA A 42 17.71 8.49 -4.57
CA ALA A 42 16.88 9.40 -5.35
C ALA A 42 17.35 9.40 -6.84
N TYR A 43 16.36 9.43 -7.70
CA TYR A 43 16.51 9.35 -9.14
C TYR A 43 15.88 10.54 -9.86
N LEU A 44 16.55 11.04 -10.88
CA LEU A 44 15.96 12.01 -11.82
C LEU A 44 15.51 11.28 -13.06
N VAL A 45 14.21 11.30 -13.28
CA VAL A 45 13.54 10.59 -14.35
C VAL A 45 13.00 11.59 -15.45
N ASN A 46 13.28 11.30 -16.73
CA ASN A 46 12.80 12.06 -17.88
C ASN A 46 13.21 13.53 -17.84
N ASN A 47 14.37 13.78 -17.26
CA ASN A 47 14.85 15.12 -16.86
C ASN A 47 13.84 16.04 -16.22
N GLU A 48 12.80 15.50 -15.58
CA GLU A 48 11.73 16.34 -15.07
C GLU A 48 11.13 15.88 -13.71
N TYR A 49 11.28 14.62 -13.30
CA TYR A 49 10.69 14.09 -12.10
C TYR A 49 11.75 13.58 -11.16
N ILE A 50 11.61 13.84 -9.87
CA ILE A 50 12.43 13.21 -8.84
C ILE A 50 11.64 12.04 -8.32
N PHE A 51 12.26 10.89 -8.19
CA PHE A 51 11.67 9.76 -7.51
C PHE A 51 12.57 9.40 -6.36
N LYS A 52 12.08 9.56 -5.13
CA LYS A 52 12.82 9.16 -3.91
C LYS A 52 12.40 7.75 -3.57
N THR A 53 13.33 6.86 -3.25
CA THR A 53 12.97 5.48 -3.01
C THR A 53 13.67 4.92 -1.81
N LYS A 54 13.06 3.89 -1.24
CA LYS A 54 13.56 3.28 -0.03
C LYS A 54 13.07 1.86 0.02
N PHE A 55 13.88 0.88 0.42
CA PHE A 55 13.42 -0.51 0.75
C PHE A 55 13.28 -0.88 2.23
N GLY A 62 6.91 6.54 7.47
CA GLY A 62 8.22 6.67 6.85
C GLY A 62 8.08 7.61 5.70
N TYR A 63 7.92 7.07 4.46
CA TYR A 63 7.41 7.94 3.36
C TYR A 63 5.94 8.35 3.46
N ALA A 64 5.16 7.65 4.26
CA ALA A 64 3.80 8.09 4.56
C ALA A 64 3.76 9.44 5.25
N LYS A 65 4.59 9.68 6.27
CA LYS A 65 4.61 10.99 6.96
C LYS A 65 5.09 12.06 6.05
N GLU A 66 6.14 11.78 5.30
CA GLU A 66 6.70 12.78 4.40
C GLU A 66 5.64 13.21 3.35
N LYS A 67 4.95 12.22 2.77
CA LYS A 67 3.85 12.50 1.88
C LYS A 67 2.73 13.32 2.56
N ALA A 68 2.34 12.96 3.78
CA ALA A 68 1.30 13.70 4.48
C ALA A 68 1.77 15.14 4.76
N ILE A 69 3.07 15.34 4.93
CA ILE A 69 3.58 16.68 5.14
C ILE A 69 3.57 17.52 3.91
N TYR A 70 4.02 16.97 2.78
CA TYR A 70 3.94 17.69 1.50
C TYR A 70 2.51 18.06 1.20
N ASN A 71 1.58 17.14 1.41
CA ASN A 71 0.22 17.38 1.07
C ASN A 71 -0.37 18.46 2.03
N PHE A 72 -0.10 18.37 3.34
CA PHE A 72 -0.47 19.44 4.26
C PHE A 72 0.09 20.81 3.86
N LEU A 73 1.34 20.87 3.45
CA LEU A 73 1.98 22.16 3.19
C LEU A 73 1.53 22.75 1.85
N ASN A 74 1.28 21.92 0.85
CA ASN A 74 0.84 22.41 -0.46
C ASN A 74 -0.59 22.94 -0.35
N THR A 75 -1.36 22.42 0.58
CA THR A 75 -2.68 22.98 0.90
C THR A 75 -2.57 24.31 1.66
N ASN A 76 -1.71 24.40 2.66
CA ASN A 76 -1.82 25.47 3.66
C ASN A 76 -0.78 26.58 3.58
N LEU A 77 0.38 26.38 2.98
CA LEU A 77 1.34 27.48 2.84
C LEU A 77 0.93 28.49 1.75
N GLU A 78 1.03 29.79 2.03
CA GLU A 78 0.97 30.82 0.98
C GLU A 78 2.41 31.35 0.80
N THR A 79 3.06 31.00 -0.30
CA THR A 79 4.46 31.33 -0.49
C THR A 79 4.75 31.12 -1.95
N ASN A 80 5.71 31.83 -2.49
CA ASN A 80 6.24 31.56 -3.81
C ASN A 80 7.38 30.61 -3.81
N VAL A 81 7.84 30.21 -2.62
CA VAL A 81 8.88 29.19 -2.55
C VAL A 81 8.25 27.83 -2.89
N LYS A 82 8.84 27.10 -3.82
CA LYS A 82 8.34 25.81 -4.20
C LYS A 82 8.83 24.70 -3.31
N ILE A 83 7.95 23.73 -3.10
CA ILE A 83 8.29 22.50 -2.41
C ILE A 83 7.78 21.29 -3.17
N PRO A 84 8.24 20.10 -2.82
CA PRO A 84 7.75 18.93 -3.57
C PRO A 84 6.27 18.82 -3.52
N ASN A 85 5.69 18.48 -4.64
CA ASN A 85 4.28 18.23 -4.74
C ASN A 85 4.06 16.83 -5.31
N ILE A 86 3.57 15.94 -4.43
CA ILE A 86 3.63 14.52 -4.75
C ILE A 86 2.58 14.14 -5.80
N GLU A 87 3.05 13.67 -6.96
CA GLU A 87 2.19 13.14 -7.96
C GLU A 87 2.11 11.63 -7.95
N TYR A 88 3.15 10.92 -7.51
CA TYR A 88 3.17 9.45 -7.53
C TYR A 88 3.61 8.95 -6.16
N SER A 89 2.92 7.99 -5.61
CA SER A 89 3.39 7.41 -4.41
C SER A 89 3.00 5.96 -4.39
N TYR A 90 3.92 5.13 -3.88
CA TYR A 90 3.65 3.75 -3.54
C TYR A 90 4.27 3.55 -2.18
N ILE A 91 3.49 3.11 -1.21
CA ILE A 91 3.95 2.94 0.13
C ILE A 91 3.59 1.58 0.64
N SER A 92 4.59 0.83 1.10
CA SER A 92 4.45 -0.51 1.66
C SER A 92 5.58 -0.75 2.66
N ASP A 93 5.49 -1.78 3.49
CA ASP A 93 6.57 -1.99 4.52
C ASP A 93 7.96 -2.17 3.81
N GLU A 94 7.95 -2.85 2.67
CA GLU A 94 9.16 -3.33 2.01
C GLU A 94 9.66 -2.34 0.94
N LEU A 95 8.83 -1.39 0.48
CA LEU A 95 9.23 -0.48 -0.58
C LEU A 95 8.41 0.76 -0.52
N SER A 96 9.06 1.91 -0.67
CA SER A 96 8.34 3.19 -0.74
C SER A 96 8.95 4.08 -1.77
N ILE A 97 8.08 4.72 -2.55
CA ILE A 97 8.48 5.54 -3.63
C ILE A 97 7.61 6.79 -3.64
N LEU A 98 8.24 7.97 -3.74
CA LEU A 98 7.54 9.23 -3.88
C LEU A 98 8.08 9.85 -5.11
N GLY A 99 7.20 10.27 -6.02
CA GLY A 99 7.61 11.03 -7.17
C GLY A 99 6.97 12.39 -7.32
N TYR A 100 7.77 13.35 -7.78
CA TYR A 100 7.28 14.72 -7.90
C TYR A 100 8.10 15.44 -8.92
N LYS A 101 7.59 16.55 -9.45
CA LYS A 101 8.40 17.32 -10.38
C LYS A 101 9.61 18.01 -9.73
N GLU A 102 10.75 17.91 -10.39
CA GLU A 102 12.00 18.47 -9.96
C GLU A 102 11.80 19.99 -9.84
N ILE A 103 12.11 20.56 -8.69
CA ILE A 103 12.21 21.98 -8.55
C ILE A 103 13.52 22.41 -9.15
N LYS A 104 13.49 23.37 -10.06
CA LYS A 104 14.68 23.79 -10.78
C LYS A 104 15.45 24.84 -10.01
N GLY A 105 16.76 24.81 -10.07
CA GLY A 105 17.56 25.85 -9.46
C GLY A 105 18.92 25.33 -9.13
N THR A 106 19.68 26.15 -8.40
CA THR A 106 21.04 25.80 -7.92
C THR A 106 21.02 25.70 -6.39
N PHE A 107 21.63 24.66 -5.81
CA PHE A 107 21.70 24.52 -4.38
C PHE A 107 22.63 25.55 -3.77
N LEU A 108 22.20 26.20 -2.69
CA LEU A 108 23.05 27.12 -1.93
C LEU A 108 24.27 26.41 -1.32
N THR A 109 25.40 27.06 -1.41
CA THR A 109 26.66 26.55 -0.87
C THR A 109 27.43 27.75 -0.32
N PRO A 110 28.42 27.48 0.53
CA PRO A 110 29.35 28.53 0.94
C PRO A 110 30.00 29.30 -0.19
N GLU A 111 30.47 28.61 -1.21
CA GLU A 111 31.11 29.27 -2.38
C GLU A 111 30.15 30.25 -3.03
N ILE A 112 28.93 29.82 -3.30
CA ILE A 112 27.97 30.72 -3.95
C ILE A 112 27.68 31.93 -3.08
N TYR A 113 27.52 31.69 -1.79
CA TYR A 113 27.17 32.75 -0.90
C TYR A 113 28.23 33.84 -0.85
N SER A 114 29.49 33.43 -0.83
CA SER A 114 30.57 34.39 -0.74
C SER A 114 30.72 35.24 -2.00
N THR A 115 30.22 34.79 -3.16
CA THR A 115 30.17 35.61 -4.38
C THR A 115 28.94 36.59 -4.42
N MET A 116 27.97 36.44 -3.51
CA MET A 116 26.83 37.33 -3.52
C MET A 116 27.24 38.70 -2.95
N SER A 117 26.68 39.78 -3.47
CA SER A 117 26.78 41.11 -2.90
C SER A 117 26.12 41.12 -1.54
N GLU A 118 26.47 42.09 -0.70
CA GLU A 118 25.88 42.24 0.60
C GLU A 118 24.33 42.25 0.57
N GLU A 119 23.77 42.98 -0.41
CA GLU A 119 22.36 43.12 -0.57
C GLU A 119 21.73 41.80 -1.06
N GLU A 120 22.37 41.07 -1.96
CA GLU A 120 21.91 39.72 -2.29
C GLU A 120 21.87 38.79 -1.09
N GLN A 121 22.86 38.86 -0.23
CA GLN A 121 22.91 38.01 0.92
C GLN A 121 21.76 38.36 1.87
N ASN A 122 21.51 39.64 2.10
CA ASN A 122 20.44 40.08 2.96
C ASN A 122 19.10 39.57 2.44
N LEU A 123 18.88 39.64 1.12
CA LEU A 123 17.57 39.30 0.58
C LEU A 123 17.35 37.78 0.74
N LEU A 124 18.40 36.98 0.54
CA LEU A 124 18.32 35.56 0.72
C LEU A 124 17.97 35.23 2.19
N LYS A 125 18.61 35.90 3.13
CA LYS A 125 18.31 35.68 4.52
C LYS A 125 16.88 36.06 4.86
N ARG A 126 16.39 37.15 4.30
CA ARG A 126 15.02 37.58 4.53
C ARG A 126 14.06 36.55 3.97
N ASP A 127 14.34 36.06 2.76
CA ASP A 127 13.53 35.02 2.22
C ASP A 127 13.43 33.79 3.14
N ILE A 128 14.57 33.41 3.71
CA ILE A 128 14.61 32.22 4.53
C ILE A 128 13.79 32.47 5.78
N ALA A 129 14.03 33.59 6.42
CA ALA A 129 13.35 33.90 7.64
C ALA A 129 11.86 33.98 7.42
N SER A 130 11.45 34.48 6.28
CA SER A 130 10.05 34.63 5.96
C SER A 130 9.39 33.27 5.76
N PHE A 131 10.10 32.37 5.08
CA PHE A 131 9.63 31.04 4.93
C PHE A 131 9.47 30.34 6.29
N LEU A 132 10.49 30.38 7.09
CA LEU A 132 10.42 29.77 8.40
C LEU A 132 9.32 30.36 9.24
N ARG A 133 9.18 31.67 9.20
CA ARG A 133 8.13 32.34 10.01
C ARG A 133 6.73 31.81 9.56
N GLN A 134 6.56 31.64 8.28
CA GLN A 134 5.31 31.25 7.76
C GLN A 134 5.00 29.79 8.14
N MET A 135 5.96 28.89 7.97
CA MET A 135 5.76 27.52 8.28
C MET A 135 5.59 27.27 9.76
N HIS A 136 6.38 27.91 10.58
CA HIS A 136 6.28 27.79 12.05
C HIS A 136 5.01 28.35 12.60
N GLY A 137 4.38 29.25 11.84
CA GLY A 137 3.10 29.83 12.21
C GLY A 137 1.87 29.01 11.83
N LEU A 138 1.99 27.93 11.07
CA LEU A 138 0.81 27.21 10.66
C LEU A 138 0.12 26.55 11.83
N ASP A 139 -1.21 26.60 11.81
CA ASP A 139 -2.05 25.75 12.62
C ASP A 139 -1.80 24.32 12.16
N TYR A 140 -1.26 23.51 13.07
CA TYR A 140 -0.80 22.17 12.74
C TYR A 140 -1.78 21.07 13.21
N THR A 141 -3.05 21.40 13.48
CA THR A 141 -4.02 20.42 13.96
C THR A 141 -4.21 19.26 12.98
N ASP A 142 -4.27 19.57 11.68
CA ASP A 142 -4.52 18.54 10.66
C ASP A 142 -3.35 17.55 10.52
N ILE A 143 -2.13 17.95 10.91
CA ILE A 143 -0.96 17.11 10.93
C ILE A 143 -0.53 16.74 12.37
N SER A 144 -1.45 16.74 13.32
CA SER A 144 -1.04 16.73 14.73
C SER A 144 -0.43 15.43 15.25
N GLU A 145 -0.57 14.37 14.49
CA GLU A 145 0.06 13.06 14.73
C GLU A 145 1.59 13.12 14.50
N CYS A 146 2.09 14.11 13.75
CA CYS A 146 3.49 14.18 13.40
C CYS A 146 4.32 14.89 14.48
N THR A 147 4.09 14.59 15.75
CA THR A 147 4.88 15.13 16.86
C THR A 147 6.17 14.39 17.05
N ILE A 148 7.19 15.11 17.47
CA ILE A 148 8.51 14.55 17.68
C ILE A 148 9.01 15.17 18.98
N ASP A 149 9.34 14.36 19.97
CA ASP A 149 9.84 14.81 21.26
C ASP A 149 11.35 14.40 21.26
N ASN A 150 12.27 15.34 20.96
CA ASN A 150 13.68 15.02 20.88
C ASN A 150 14.28 14.57 22.20
N LYS A 151 13.86 15.17 23.31
CA LYS A 151 14.37 14.77 24.62
C LYS A 151 13.95 13.38 25.00
N GLN A 152 12.67 13.07 24.80
CA GLN A 152 12.18 11.72 25.07
C GLN A 152 12.85 10.70 24.16
N ASN A 153 13.05 11.04 22.89
CA ASN A 153 13.77 10.13 21.94
C ASN A 153 15.16 9.82 22.44
N VAL A 154 15.87 10.81 22.95
CA VAL A 154 17.20 10.59 23.47
C VAL A 154 17.18 9.70 24.71
N LEU A 155 16.23 9.92 25.61
CA LEU A 155 16.16 9.04 26.75
C LEU A 155 15.92 7.61 26.32
N GLU A 156 15.05 7.39 25.36
CA GLU A 156 14.75 6.00 24.90
C GLU A 156 15.95 5.39 24.21
N GLU A 157 16.75 6.20 23.53
CA GLU A 157 17.96 5.72 22.89
C GLU A 157 19.01 5.34 23.90
N TYR A 158 19.11 6.11 24.98
CA TYR A 158 20.02 5.83 26.08
C TYR A 158 19.61 4.55 26.78
N ILE A 159 18.34 4.30 26.99
CA ILE A 159 17.92 3.06 27.58
C ILE A 159 18.34 1.86 26.71
N LEU A 160 18.13 1.98 25.40
CA LEU A 160 18.61 1.00 24.46
C LEU A 160 20.14 0.78 24.56
N LEU A 161 20.94 1.84 24.70
CA LEU A 161 22.39 1.69 24.95
C LEU A 161 22.68 0.89 26.16
N ARG A 162 22.02 1.21 27.28
CA ARG A 162 22.21 0.49 28.52
C ARG A 162 21.84 -0.97 28.41
N GLU A 163 20.84 -1.29 27.58
CA GLU A 163 20.42 -2.67 27.35
C GLU A 163 21.31 -3.44 26.36
N THR A 164 22.21 -2.78 25.65
CA THR A 164 22.96 -3.47 24.59
C THR A 164 24.44 -3.34 24.87
N ILE A 165 25.07 -2.32 24.33
CA ILE A 165 26.52 -2.22 24.40
C ILE A 165 27.17 -1.34 25.47
N TYR A 166 26.40 -0.66 26.29
CA TYR A 166 26.99 0.35 27.18
C TYR A 166 28.08 -0.23 28.07
N ASN A 167 27.87 -1.41 28.62
CA ASN A 167 28.86 -2.01 29.54
C ASN A 167 30.18 -2.42 28.87
N ASP A 168 30.20 -2.60 27.54
CA ASP A 168 31.45 -2.80 26.82
C ASP A 168 32.14 -1.54 26.31
N LEU A 169 31.61 -0.38 26.62
CA LEU A 169 32.25 0.87 26.18
C LEU A 169 33.40 1.16 27.09
N THR A 170 34.37 1.94 26.62
CA THR A 170 35.45 2.43 27.50
C THR A 170 34.95 3.52 28.46
N ASP A 171 35.75 3.84 29.45
CA ASP A 171 35.41 4.88 30.41
C ASP A 171 35.34 6.23 29.72
N ILE A 172 36.23 6.54 28.78
CA ILE A 172 36.17 7.82 28.10
C ILE A 172 34.84 7.99 27.34
N GLU A 173 34.39 6.92 26.72
CA GLU A 173 33.10 6.84 26.04
C GLU A 173 31.89 7.00 26.98
N LYS A 174 31.91 6.23 28.05
CA LYS A 174 30.91 6.35 29.06
C LYS A 174 30.88 7.74 29.65
N ASP A 175 32.00 8.36 29.96
CA ASP A 175 31.96 9.70 30.48
C ASP A 175 31.35 10.69 29.50
N TYR A 176 31.60 10.54 28.22
CA TYR A 176 31.06 11.43 27.25
C TYR A 176 29.55 11.32 27.24
N ILE A 177 29.03 10.12 27.25
CA ILE A 177 27.61 9.91 27.22
C ILE A 177 26.96 10.43 28.51
N GLU A 178 27.50 10.11 29.67
CA GLU A 178 26.95 10.56 30.94
C GLU A 178 26.99 12.05 31.05
N SER A 179 28.05 12.63 30.60
CA SER A 179 28.20 14.06 30.65
C SER A 179 27.13 14.75 29.72
N PHE A 180 26.85 14.14 28.59
CA PHE A 180 25.77 14.57 27.77
C PHE A 180 24.39 14.46 28.47
N MET A 181 24.12 13.34 29.11
CA MET A 181 22.85 13.15 29.81
C MET A 181 22.71 14.12 30.99
N GLU A 182 23.79 14.47 31.67
CA GLU A 182 23.72 15.46 32.75
C GLU A 182 23.32 16.83 32.13
N ARG A 183 23.90 17.15 31.00
CA ARG A 183 23.57 18.37 30.34
C ARG A 183 22.09 18.37 29.85
N LEU A 184 21.63 17.29 29.27
CA LEU A 184 20.24 17.15 28.89
C LEU A 184 19.24 17.32 30.03
N ASN A 185 19.59 16.86 31.19
CA ASN A 185 18.79 16.96 32.37
C ASN A 185 18.76 18.36 32.95
N ALA A 186 19.81 19.15 32.76
CA ALA A 186 19.86 20.55 33.27
C ALA A 186 19.28 21.56 32.26
N THR A 187 19.24 21.28 30.98
CA THR A 187 18.87 22.30 30.00
C THR A 187 17.38 22.62 30.08
N THR A 188 17.04 23.81 29.66
CA THR A 188 15.65 24.21 29.49
C THR A 188 15.27 24.41 28.03
N VAL A 189 16.15 24.09 27.09
CA VAL A 189 15.85 24.44 25.70
C VAL A 189 14.77 23.59 25.04
N PHE A 190 14.30 22.53 25.67
CA PHE A 190 13.17 21.73 25.11
C PHE A 190 11.82 22.20 25.68
N GLU A 191 11.77 23.26 26.46
CA GLU A 191 10.55 23.67 27.10
C GLU A 191 9.88 24.83 26.41
N GLY A 192 10.30 25.18 25.21
CA GLY A 192 9.80 26.36 24.50
C GLY A 192 8.67 26.07 23.54
N LYS A 193 8.46 26.99 22.59
CA LYS A 193 7.44 26.88 21.59
C LYS A 193 7.70 25.66 20.65
N LYS A 194 6.62 24.90 20.40
CA LYS A 194 6.57 23.82 19.48
C LYS A 194 5.85 24.24 18.21
N CYS A 195 6.29 23.81 17.05
CA CYS A 195 5.61 24.08 15.84
C CYS A 195 6.07 23.16 14.77
N LEU A 196 5.49 23.27 13.58
CA LEU A 196 5.91 22.47 12.45
C LEU A 196 7.23 22.98 11.89
N CYS A 197 8.24 22.12 11.87
CA CYS A 197 9.58 22.42 11.41
C CYS A 197 10.01 21.49 10.30
N HIS A 198 10.85 22.01 9.43
CA HIS A 198 11.44 21.24 8.37
C HIS A 198 12.28 20.12 8.95
N ASN A 199 13.07 20.49 9.94
CA ASN A 199 13.85 19.60 10.77
C ASN A 199 15.04 18.97 10.08
N ASP A 200 15.43 19.50 8.93
CA ASP A 200 16.74 19.17 8.35
C ASP A 200 17.17 20.30 7.42
N PHE A 201 17.09 21.52 7.96
CA PHE A 201 17.07 22.74 7.18
C PHE A 201 18.49 23.27 6.98
N SER A 202 19.22 22.56 6.11
CA SER A 202 20.58 22.85 5.80
C SER A 202 20.64 23.42 4.42
N CYS A 203 21.76 24.02 4.06
CA CYS A 203 21.79 24.73 2.81
C CYS A 203 21.79 23.84 1.57
N ASN A 204 22.13 22.56 1.70
CA ASN A 204 21.96 21.60 0.59
C ASN A 204 20.46 21.22 0.32
N HIS A 205 19.51 21.80 1.04
CA HIS A 205 18.13 21.60 0.75
C HIS A 205 17.46 22.87 0.25
N LEU A 206 18.23 23.94 0.04
CA LEU A 206 17.72 25.23 -0.41
C LEU A 206 18.17 25.52 -1.84
N LEU A 207 17.22 25.88 -2.66
CA LEU A 207 17.49 26.13 -4.07
C LEU A 207 17.34 27.59 -4.36
N LEU A 208 18.26 28.09 -5.18
CA LEU A 208 18.24 29.48 -5.66
C LEU A 208 17.89 29.55 -7.12
N ASP A 209 17.20 30.64 -7.51
CA ASP A 209 16.96 30.96 -8.93
C ASP A 209 18.14 31.73 -9.49
N GLY A 210 18.02 32.26 -10.71
CA GLY A 210 19.10 32.97 -11.40
C GLY A 210 19.48 34.31 -10.81
N ASN A 211 18.60 34.90 -10.01
CA ASN A 211 18.91 36.09 -9.17
C ASN A 211 19.40 35.85 -7.72
N ASN A 212 19.80 34.61 -7.41
CA ASN A 212 20.27 34.20 -6.10
C ASN A 212 19.25 34.37 -4.98
N ARG A 213 17.97 34.25 -5.35
CA ARG A 213 16.90 34.29 -4.39
C ARG A 213 16.38 32.91 -4.16
N LEU A 214 15.73 32.71 -3.03
CA LEU A 214 15.24 31.41 -2.67
C LEU A 214 14.07 31.06 -3.52
N THR A 215 14.21 29.98 -4.26
CA THR A 215 13.17 29.56 -5.12
C THR A 215 12.53 28.27 -4.68
N GLY A 216 13.24 27.45 -3.90
CA GLY A 216 12.68 26.19 -3.46
C GLY A 216 13.36 25.55 -2.31
N ILE A 217 12.62 24.64 -1.67
CA ILE A 217 13.10 23.88 -0.53
C ILE A 217 12.65 22.44 -0.63
N ILE A 218 13.57 21.52 -0.39
CA ILE A 218 13.30 20.10 -0.52
C ILE A 218 13.53 19.36 0.74
N ASP A 219 13.14 18.10 0.71
CA ASP A 219 13.44 17.12 1.75
C ASP A 219 12.85 17.49 3.10
N PHE A 220 11.53 17.40 3.19
CA PHE A 220 10.84 17.54 4.45
C PHE A 220 10.63 16.13 5.07
N GLY A 221 11.50 15.18 4.72
CA GLY A 221 11.47 13.84 5.26
C GLY A 221 11.67 13.64 6.74
N ASP A 222 12.15 14.64 7.48
CA ASP A 222 12.27 14.56 8.90
C ASP A 222 11.34 15.52 9.64
N SER A 223 10.47 16.18 8.88
CA SER A 223 9.57 17.21 9.40
C SER A 223 8.60 16.70 10.38
N GLY A 224 8.23 17.59 11.31
CA GLY A 224 7.24 17.31 12.30
C GLY A 224 7.07 18.44 13.25
N ILE A 225 6.27 18.25 14.23
CA ILE A 225 5.96 19.22 15.23
C ILE A 225 6.97 18.99 16.32
N ILE A 226 7.76 20.01 16.61
CA ILE A 226 8.98 19.86 17.39
C ILE A 226 9.41 21.25 17.83
N ASP A 227 10.48 21.38 18.60
CA ASP A 227 10.93 22.73 19.01
C ASP A 227 11.25 23.66 17.85
N GLU A 228 10.77 24.89 17.95
CA GLU A 228 11.06 25.98 17.03
C GLU A 228 12.59 26.11 16.76
N TYR A 229 13.39 25.88 17.79
CA TYR A 229 14.83 25.99 17.65
C TYR A 229 15.45 25.01 16.61
N CYS A 230 14.76 23.91 16.32
CA CYS A 230 15.23 22.87 15.38
C CYS A 230 15.60 23.40 14.03
N ASP A 231 14.84 24.35 13.50
CA ASP A 231 15.13 24.80 12.16
C ASP A 231 16.29 25.75 12.08
N PHE A 232 17.02 26.00 13.17
CA PHE A 232 18.21 26.87 13.10
C PHE A 232 19.46 26.11 13.36
N ILE A 233 19.37 24.81 13.55
CA ILE A 233 20.52 24.02 13.92
C ILE A 233 21.64 24.08 12.85
N TYR A 234 21.27 24.08 11.57
CA TYR A 234 22.29 24.07 10.50
C TYR A 234 22.66 25.47 10.09
N LEU A 235 21.71 26.38 10.14
CA LEU A 235 21.97 27.78 9.92
C LEU A 235 22.98 28.30 10.87
N LEU A 236 23.02 27.78 12.12
CA LEU A 236 24.00 28.23 13.10
C LEU A 236 25.29 27.39 13.14
N GLU A 237 25.42 26.38 12.29
CA GLU A 237 26.58 25.47 12.31
C GLU A 237 27.79 26.12 11.65
N ASP A 238 28.93 25.96 12.28
CA ASP A 238 30.25 26.29 11.71
C ASP A 238 30.94 25.04 11.14
N SER A 239 30.90 24.87 9.83
CA SER A 239 31.48 23.69 9.16
C SER A 239 31.73 23.99 7.67
N GLU A 240 32.46 23.10 6.99
CA GLU A 240 32.75 23.32 5.57
C GLU A 240 31.50 23.40 4.68
N GLU A 241 30.46 22.71 5.10
CA GLU A 241 29.26 22.50 4.31
C GLU A 241 28.21 23.59 4.51
N GLU A 242 28.26 24.26 5.67
CA GLU A 242 27.27 25.32 5.95
C GLU A 242 27.95 26.68 5.89
N ILE A 243 27.14 27.72 5.85
CA ILE A 243 27.62 29.07 5.64
C ILE A 243 28.27 29.66 6.83
N GLY A 244 27.64 29.55 7.99
CA GLY A 244 28.31 29.98 9.25
C GLY A 244 27.38 30.55 10.31
N THR A 245 27.89 30.59 11.52
CA THR A 245 27.17 31.17 12.64
C THR A 245 26.50 32.53 12.37
N ASN A 246 27.20 33.43 11.68
CA ASN A 246 26.69 34.78 11.38
C ASN A 246 25.48 34.82 10.50
N PHE A 247 25.45 33.91 9.55
CA PHE A 247 24.30 33.69 8.70
C PHE A 247 23.07 33.35 9.54
N GLY A 248 23.22 32.35 10.42
CA GLY A 248 22.15 31.91 11.30
C GLY A 248 21.68 33.01 12.27
N GLU A 249 22.63 33.73 12.80
CA GLU A 249 22.31 34.81 13.70
C GLU A 249 21.53 35.90 13.04
N ASP A 250 21.93 36.32 11.84
CA ASP A 250 21.18 37.35 11.13
C ASP A 250 19.78 36.89 10.75
N ILE A 251 19.63 35.63 10.36
CA ILE A 251 18.35 35.06 10.08
C ILE A 251 17.48 35.02 11.31
N LEU A 252 18.07 34.65 12.44
CA LEU A 252 17.35 34.73 13.71
C LEU A 252 16.86 36.14 14.07
N ARG A 253 17.67 37.16 13.80
CA ARG A 253 17.24 38.54 14.06
C ARG A 253 16.12 38.95 13.14
N MET A 254 16.16 38.53 11.89
CA MET A 254 15.08 38.82 10.99
C MET A 254 13.83 38.04 11.33
N TYR A 255 13.96 36.80 11.77
CA TYR A 255 12.81 35.99 12.10
C TYR A 255 12.08 36.61 13.30
N GLY A 256 12.83 37.10 14.30
CA GLY A 256 12.31 37.80 15.48
C GLY A 256 11.63 36.94 16.55
N ASN A 257 11.46 37.49 17.72
CA ASN A 257 10.69 36.86 18.81
C ASN A 257 11.22 35.46 19.09
N ILE A 258 12.53 35.36 19.18
CA ILE A 258 13.13 34.07 19.53
C ILE A 258 14.42 34.34 20.31
N ASP A 259 14.67 33.54 21.31
CA ASP A 259 15.83 33.69 22.16
C ASP A 259 17.05 33.09 21.45
N ILE A 260 17.94 33.94 21.00
CA ILE A 260 19.08 33.50 20.18
C ILE A 260 20.05 32.69 21.02
N GLU A 261 20.27 33.04 22.29
CA GLU A 261 21.16 32.25 23.10
C GLU A 261 20.66 30.79 23.26
N LYS A 262 19.36 30.61 23.42
CA LYS A 262 18.79 29.26 23.45
C LYS A 262 18.83 28.52 22.17
N ALA A 263 18.60 29.21 21.06
CA ALA A 263 18.81 28.58 19.78
C ALA A 263 20.19 28.03 19.67
N LYS A 264 21.20 28.78 20.14
CA LYS A 264 22.56 28.28 20.09
C LYS A 264 22.84 27.17 21.08
N GLU A 265 22.25 27.22 22.26
CA GLU A 265 22.36 26.11 23.20
C GLU A 265 21.75 24.83 22.58
N TYR A 266 20.63 24.93 21.90
CA TYR A 266 19.99 23.80 21.27
C TYR A 266 20.88 23.24 20.21
N GLN A 267 21.40 24.10 19.33
CA GLN A 267 22.34 23.60 18.34
C GLN A 267 23.53 22.89 18.99
N ASP A 268 24.01 23.43 20.13
CA ASP A 268 25.23 22.90 20.72
C ASP A 268 25.00 21.51 21.33
N ILE A 269 23.87 21.33 21.94
CA ILE A 269 23.43 20.04 22.47
C ILE A 269 23.23 18.98 21.37
N VAL A 270 22.60 19.33 20.27
CA VAL A 270 22.43 18.44 19.15
C VAL A 270 23.74 18.07 18.57
N GLU A 271 24.65 19.01 18.45
CA GLU A 271 26.00 18.68 17.95
C GLU A 271 26.72 17.74 18.97
N GLU A 272 26.58 17.97 20.29
CA GLU A 272 27.20 17.07 21.23
C GLU A 272 26.63 15.64 21.08
N TYR A 273 25.32 15.52 20.77
CA TYR A 273 24.70 14.25 20.67
C TYR A 273 25.10 13.41 19.43
N TYR A 274 25.61 14.06 18.40
CA TYR A 274 25.87 13.43 17.14
C TYR A 274 26.59 12.08 17.18
N PRO A 275 27.72 11.96 17.85
CA PRO A 275 28.36 10.66 17.92
C PRO A 275 27.53 9.56 18.61
N ILE A 276 26.69 9.93 19.56
CA ILE A 276 25.87 8.97 20.27
C ILE A 276 24.76 8.56 19.33
N GLU A 277 24.18 9.50 18.60
CA GLU A 277 23.16 9.23 17.57
C GLU A 277 23.67 8.24 16.52
N THR A 278 24.94 8.39 16.15
CA THR A 278 25.59 7.56 15.16
C THR A 278 25.71 6.12 15.74
N ILE A 279 26.15 5.99 17.01
CA ILE A 279 26.23 4.68 17.66
C ILE A 279 24.88 3.97 17.68
N VAL A 280 23.86 4.70 18.09
CA VAL A 280 22.51 4.20 18.18
C VAL A 280 21.96 3.71 16.83
N TYR A 281 22.22 4.46 15.77
CA TYR A 281 21.84 4.06 14.39
C TYR A 281 22.47 2.68 14.11
N GLY A 282 23.73 2.50 14.46
CA GLY A 282 24.39 1.24 14.28
C GLY A 282 23.80 0.08 15.10
N ILE A 283 23.32 0.36 16.29
CA ILE A 283 22.70 -0.66 17.10
C ILE A 283 21.40 -1.06 16.45
N LYS A 284 20.56 -0.09 16.19
CA LYS A 284 19.22 -0.33 15.65
C LYS A 284 19.22 -1.03 14.32
N ASN A 285 20.20 -0.75 13.49
CA ASN A 285 20.27 -1.34 12.13
C ASN A 285 21.33 -2.42 12.02
N ILE A 286 21.88 -2.83 13.16
CA ILE A 286 22.89 -3.88 13.17
C ILE A 286 24.00 -3.52 12.17
N LYS A 287 24.53 -2.30 12.27
CA LYS A 287 25.68 -1.91 11.46
C LYS A 287 26.87 -1.51 12.32
N GLN A 288 27.78 -2.46 12.51
CA GLN A 288 28.94 -2.30 13.38
C GLN A 288 29.80 -1.07 13.00
N GLU A 289 29.93 -0.83 11.73
CA GLU A 289 30.71 0.28 11.13
C GLU A 289 30.28 1.62 11.76
N PHE A 290 28.97 1.79 11.99
CA PHE A 290 28.47 3.01 12.64
C PHE A 290 28.73 3.09 14.16
N ILE A 291 28.64 1.97 14.85
CA ILE A 291 28.99 1.92 16.26
C ILE A 291 30.44 2.36 16.40
N GLU A 292 31.32 1.80 15.55
CA GLU A 292 32.74 2.14 15.57
C GLU A 292 32.97 3.63 15.23
N ASN A 293 32.34 4.16 14.19
CA ASN A 293 32.51 5.58 13.82
C ASN A 293 32.11 6.54 14.94
N GLY A 294 31.04 6.28 15.62
CA GLY A 294 30.61 7.16 16.70
C GLY A 294 31.56 7.11 17.88
N ARG A 295 32.01 5.92 18.21
CA ARG A 295 32.92 5.76 19.31
C ARG A 295 34.22 6.47 19.02
N LYS A 296 34.72 6.34 17.79
CA LYS A 296 35.92 7.05 17.40
C LYS A 296 35.74 8.54 17.46
N GLU A 297 34.55 8.99 17.08
CA GLU A 297 34.24 10.41 17.05
C GLU A 297 34.24 11.00 18.48
N ILE A 298 33.82 10.21 19.46
CA ILE A 298 33.93 10.59 20.83
C ILE A 298 35.38 10.88 21.24
N TYR A 299 36.31 10.01 20.86
CA TYR A 299 37.72 10.27 21.08
C TYR A 299 38.21 11.51 20.37
N LYS A 300 37.77 11.74 19.14
CA LYS A 300 38.21 12.95 18.44
C LYS A 300 37.75 14.21 19.14
N ARG A 301 36.50 14.24 19.53
CA ARG A 301 35.96 15.36 20.24
C ARG A 301 36.62 15.58 21.61
N THR A 302 36.87 14.50 22.36
CA THR A 302 37.48 14.59 23.67
C THR A 302 38.90 15.19 23.62
N TYR A 303 39.67 14.95 22.54
CA TYR A 303 41.03 15.41 22.41
C TYR A 303 41.25 16.76 21.70
N LYS A 304 40.17 17.49 21.32
CA LYS A 304 40.21 18.96 21.12
C LYS A 304 40.42 19.60 22.51
N TYR B 5 27.99 6.26 -1.33
CA TYR B 5 27.15 5.37 -2.25
C TYR B 5 27.87 4.07 -2.68
N ASP B 6 27.12 2.97 -2.77
CA ASP B 6 27.65 1.75 -3.48
C ASP B 6 26.52 1.01 -4.25
N ASP B 7 26.78 0.85 -5.58
CA ASP B 7 25.89 0.12 -6.57
C ASP B 7 25.60 -1.36 -6.10
N ASN B 8 26.51 -1.96 -5.27
CA ASN B 8 26.43 -3.35 -4.70
C ASN B 8 25.32 -3.55 -3.66
N ALA B 9 25.37 -2.87 -2.50
CA ALA B 9 24.31 -3.02 -1.46
C ALA B 9 22.94 -2.66 -2.02
N THR B 10 22.85 -1.64 -2.88
CA THR B 10 21.55 -1.17 -3.42
C THR B 10 20.89 -2.13 -4.45
N ASN B 11 21.72 -2.71 -5.35
CA ASN B 11 21.20 -3.63 -6.40
C ASN B 11 20.64 -4.91 -5.76
N VAL B 12 21.40 -5.38 -4.79
CA VAL B 12 21.03 -6.52 -4.02
C VAL B 12 19.69 -6.33 -3.28
N LYS B 13 19.39 -5.14 -2.76
CA LYS B 13 18.10 -4.89 -2.10
C LYS B 13 16.94 -4.95 -3.06
N ALA B 14 17.06 -4.31 -4.20
CA ALA B 14 16.03 -4.37 -5.24
C ALA B 14 15.75 -5.83 -5.64
N MET B 15 16.83 -6.59 -5.90
CA MET B 15 16.63 -7.97 -6.32
C MET B 15 16.07 -8.85 -5.19
N LYS B 16 16.52 -8.60 -3.96
CA LYS B 16 15.88 -9.24 -2.82
C LYS B 16 14.37 -8.94 -2.76
N TYR B 17 13.99 -7.70 -2.97
CA TYR B 17 12.57 -7.34 -3.04
C TYR B 17 11.85 -8.13 -4.13
N LEU B 18 12.41 -8.16 -5.31
CA LEU B 18 11.72 -8.84 -6.46
C LEU B 18 11.59 -10.33 -6.31
N ILE B 19 12.63 -10.98 -5.79
CA ILE B 19 12.54 -12.41 -5.48
C ILE B 19 11.43 -12.67 -4.51
N GLU B 20 11.40 -11.94 -3.41
CA GLU B 20 10.34 -12.18 -2.42
C GLU B 20 8.97 -11.76 -2.92
N HIS B 21 8.89 -10.83 -3.85
CA HIS B 21 7.61 -10.38 -4.37
C HIS B 21 7.05 -11.40 -5.34
N TYR B 22 7.88 -11.95 -6.23
CA TYR B 22 7.39 -12.86 -7.29
C TYR B 22 7.25 -14.34 -6.88
N PHE B 23 8.05 -14.78 -5.89
CA PHE B 23 8.02 -16.12 -5.36
C PHE B 23 7.60 -16.01 -3.90
N ASP B 24 6.29 -16.00 -3.67
CA ASP B 24 5.74 -15.54 -2.35
C ASP B 24 6.26 -16.21 -1.04
N ASN B 25 6.62 -17.49 -1.00
CA ASN B 25 7.08 -17.98 0.26
C ASN B 25 8.55 -18.19 0.25
N PHE B 26 9.28 -17.51 -0.60
CA PHE B 26 10.73 -17.61 -0.59
C PHE B 26 11.32 -16.55 0.31
N LYS B 27 12.19 -16.91 1.24
CA LYS B 27 12.87 -15.95 2.10
C LYS B 27 14.31 -15.81 1.77
N VAL B 28 14.75 -14.57 1.58
CA VAL B 28 16.14 -14.29 1.26
C VAL B 28 16.88 -13.98 2.55
N ASP B 29 17.71 -14.91 3.03
CA ASP B 29 18.58 -14.65 4.21
C ASP B 29 19.89 -14.04 3.79
N SER B 30 20.39 -14.34 2.62
CA SER B 30 21.58 -13.68 2.12
C SER B 30 21.52 -13.68 0.59
N ILE B 31 22.24 -12.72 0.00
CA ILE B 31 22.20 -12.49 -1.43
C ILE B 31 23.44 -11.71 -1.83
N GLU B 32 24.24 -12.26 -2.73
CA GLU B 32 25.36 -11.55 -3.30
C GLU B 32 25.39 -11.70 -4.83
N ILE B 33 26.03 -10.77 -5.49
CA ILE B 33 26.23 -10.82 -6.92
C ILE B 33 27.37 -11.82 -7.24
N ILE B 34 27.11 -12.82 -8.05
CA ILE B 34 28.10 -13.88 -8.35
C ILE B 34 28.61 -13.71 -9.77
N GLY B 35 27.87 -12.99 -10.60
CA GLY B 35 28.42 -12.44 -11.82
C GLY B 35 27.40 -11.56 -12.50
N SER B 36 27.89 -10.89 -13.52
CA SER B 36 27.02 -9.93 -14.21
C SER B 36 27.59 -9.54 -15.55
N GLY B 37 26.71 -9.44 -16.52
CA GLY B 37 27.10 -9.02 -17.86
C GLY B 37 26.55 -7.62 -18.09
N TYR B 38 26.45 -7.26 -19.35
CA TYR B 38 25.91 -5.97 -19.70
C TYR B 38 24.39 -5.97 -19.70
N ASP B 39 23.77 -7.16 -19.87
CA ASP B 39 22.36 -7.35 -19.91
C ASP B 39 21.72 -8.14 -18.78
N SER B 40 22.52 -8.72 -17.90
CA SER B 40 21.94 -9.57 -16.86
C SER B 40 22.78 -9.52 -15.62
N VAL B 41 22.17 -9.97 -14.53
CA VAL B 41 22.91 -10.16 -13.30
C VAL B 41 22.54 -11.47 -12.69
N ALA B 42 23.55 -12.15 -12.18
CA ALA B 42 23.31 -13.39 -11.47
C ALA B 42 23.68 -13.25 -9.98
N TYR B 43 22.85 -13.85 -9.15
CA TYR B 43 22.91 -13.76 -7.71
C TYR B 43 23.02 -15.14 -7.07
N LEU B 44 23.85 -15.25 -6.04
CA LEU B 44 23.83 -16.41 -5.13
C LEU B 44 23.04 -16.09 -3.89
N VAL B 45 21.91 -16.77 -3.74
CA VAL B 45 20.93 -16.56 -2.69
C VAL B 45 20.96 -17.74 -1.66
N ASN B 46 21.04 -17.41 -0.35
CA ASN B 46 21.01 -18.38 0.75
C ASN B 46 22.12 -19.39 0.68
N ASN B 47 23.25 -18.97 0.12
CA ASN B 47 24.36 -19.86 -0.25
C ASN B 47 24.02 -21.13 -0.98
N GLU B 48 22.90 -21.15 -1.68
CA GLU B 48 22.36 -22.39 -2.23
C GLU B 48 21.72 -22.25 -3.65
N TYR B 49 21.13 -21.11 -3.96
CA TYR B 49 20.36 -20.90 -5.19
C TYR B 49 21.01 -19.87 -6.07
N ILE B 50 21.09 -20.14 -7.37
CA ILE B 50 21.45 -19.14 -8.36
C ILE B 50 20.17 -18.55 -8.84
N PHE B 51 20.11 -17.22 -8.89
CA PHE B 51 19.00 -16.55 -9.54
C PHE B 51 19.60 -15.71 -10.65
N LYS B 52 19.28 -16.04 -11.91
CA LYS B 52 19.69 -15.25 -13.06
C LYS B 52 18.58 -14.27 -13.34
N THR B 53 18.92 -13.01 -13.60
CA THR B 53 17.89 -12.01 -13.84
C THR B 53 18.24 -11.13 -14.97
N LYS B 54 17.22 -10.64 -15.63
CA LYS B 54 17.36 -9.81 -16.81
C LYS B 54 16.17 -8.85 -16.86
N PHE B 55 16.37 -7.60 -17.17
CA PHE B 55 15.26 -6.63 -17.60
C PHE B 55 15.33 -6.46 -19.14
N SER B 56 14.40 -6.79 -20.03
CA SER B 56 14.79 -6.75 -21.50
C SER B 56 15.25 -5.44 -22.14
N GLY B 62 13.27 -15.44 -24.58
CA GLY B 62 14.49 -14.87 -23.94
C GLY B 62 14.87 -15.84 -22.85
N TYR B 63 14.43 -15.53 -21.58
CA TYR B 63 14.46 -16.64 -20.58
C TYR B 63 13.41 -17.71 -20.76
N ALA B 64 12.38 -17.47 -21.54
CA ALA B 64 11.44 -18.54 -21.91
C ALA B 64 12.09 -19.69 -22.64
N LYS B 65 12.93 -19.42 -23.64
CA LYS B 65 13.62 -20.49 -24.39
C LYS B 65 14.59 -21.22 -23.50
N GLU B 66 15.34 -20.48 -22.71
CA GLU B 66 16.33 -21.10 -21.83
C GLU B 66 15.63 -22.02 -20.84
N LYS B 67 14.53 -21.57 -20.26
CA LYS B 67 13.71 -22.41 -19.39
C LYS B 67 13.20 -23.66 -20.11
N ALA B 68 12.68 -23.51 -21.33
CA ALA B 68 12.21 -24.64 -22.08
C ALA B 68 13.34 -25.60 -22.38
N ILE B 69 14.57 -25.10 -22.52
CA ILE B 69 15.71 -25.94 -22.82
C ILE B 69 16.14 -26.73 -21.59
N TYR B 70 16.23 -26.08 -20.43
CA TYR B 70 16.55 -26.79 -19.19
C TYR B 70 15.50 -27.88 -18.93
N ASN B 71 14.24 -27.58 -19.13
CA ASN B 71 13.21 -28.50 -18.82
C ASN B 71 13.26 -29.68 -19.87
N PHE B 72 13.45 -29.40 -21.15
CA PHE B 72 13.69 -30.43 -22.14
C PHE B 72 14.87 -31.33 -21.83
N LEU B 73 15.98 -30.74 -21.37
CA LEU B 73 17.19 -31.53 -21.18
C LEU B 73 17.13 -32.34 -19.91
N ASN B 74 16.48 -31.83 -18.86
CA ASN B 74 16.39 -32.54 -17.59
C ASN B 74 15.45 -33.73 -17.76
N THR B 75 14.49 -33.63 -18.67
CA THR B 75 13.67 -34.79 -19.03
C THR B 75 14.45 -35.83 -19.87
N ASN B 76 15.21 -35.42 -20.87
CA ASN B 76 15.66 -36.32 -21.91
C ASN B 76 17.14 -36.73 -21.86
N LEU B 77 18.03 -35.97 -21.24
CA LEU B 77 19.44 -36.42 -21.14
C LEU B 77 19.63 -37.52 -20.08
N GLU B 78 20.38 -38.56 -20.40
CA GLU B 78 20.86 -39.52 -19.39
C GLU B 78 22.38 -39.25 -19.21
N THR B 79 22.77 -38.66 -18.08
CA THR B 79 24.16 -38.26 -17.89
C THR B 79 24.35 -38.05 -16.41
N ASN B 80 25.57 -38.17 -15.92
CA ASN B 80 25.85 -37.75 -14.55
C ASN B 80 26.31 -36.31 -14.46
N VAL B 81 26.45 -35.64 -15.60
CA VAL B 81 26.82 -34.24 -15.58
C VAL B 81 25.58 -33.42 -15.19
N LYS B 82 25.71 -32.56 -14.20
CA LYS B 82 24.58 -31.73 -13.77
C LYS B 82 24.43 -30.48 -14.63
N ILE B 83 23.18 -30.11 -14.84
CA ILE B 83 22.82 -28.86 -15.44
C ILE B 83 21.73 -28.18 -14.60
N PRO B 84 21.50 -26.88 -14.84
CA PRO B 84 20.50 -26.23 -14.04
C PRO B 84 19.20 -26.90 -14.10
N ASN B 85 18.52 -26.98 -12.95
CA ASN B 85 17.17 -27.49 -12.93
C ASN B 85 16.27 -26.44 -12.28
N ILE B 86 15.41 -25.87 -13.11
CA ILE B 86 14.68 -24.68 -12.71
C ILE B 86 13.61 -24.93 -11.69
N GLU B 87 13.75 -24.35 -10.51
CA GLU B 87 12.70 -24.39 -9.51
C GLU B 87 11.86 -23.13 -9.45
N TYR B 88 12.38 -21.97 -9.84
CA TYR B 88 11.65 -20.70 -9.78
C TYR B 88 11.75 -20.00 -11.11
N SER B 89 10.66 -19.52 -11.66
CA SER B 89 10.76 -18.73 -12.83
C SER B 89 9.67 -17.70 -12.84
N TYR B 90 10.02 -16.48 -13.30
CA TYR B 90 9.09 -15.45 -13.62
C TYR B 90 9.50 -14.89 -14.96
N ILE B 91 8.60 -14.88 -15.93
CA ILE B 91 8.95 -14.44 -17.26
C ILE B 91 7.93 -13.44 -17.73
N SER B 92 8.39 -12.25 -18.13
CA SER B 92 7.52 -11.18 -18.65
C SER B 92 8.36 -10.36 -19.66
N ASP B 93 7.72 -9.51 -20.45
CA ASP B 93 8.49 -8.74 -21.48
C ASP B 93 9.60 -7.89 -20.79
N GLU B 94 9.29 -7.36 -19.60
CA GLU B 94 10.13 -6.37 -18.95
C GLU B 94 11.10 -6.99 -17.94
N LEU B 95 10.89 -8.22 -17.50
CA LEU B 95 11.68 -8.81 -16.42
C LEU B 95 11.62 -10.31 -16.49
N SER B 96 12.76 -10.98 -16.33
CA SER B 96 12.79 -12.41 -16.26
C SER B 96 13.75 -12.89 -15.23
N ILE B 97 13.34 -13.90 -14.48
CA ILE B 97 14.11 -14.46 -13.39
C ILE B 97 14.03 -15.98 -13.48
N LEU B 98 15.17 -16.65 -13.42
CA LEU B 98 15.24 -18.12 -13.35
C LEU B 98 16.03 -18.41 -12.11
N GLY B 99 15.51 -19.28 -11.26
CA GLY B 99 16.23 -19.71 -10.05
C GLY B 99 16.40 -21.25 -10.00
N TYR B 100 17.58 -21.69 -9.56
CA TYR B 100 17.88 -23.11 -9.51
C TYR B 100 18.98 -23.31 -8.50
N LYS B 101 19.13 -24.53 -8.00
CA LYS B 101 20.20 -24.79 -7.05
C LYS B 101 21.58 -24.75 -7.71
N GLU B 102 22.51 -24.09 -6.99
CA GLU B 102 23.86 -23.90 -7.47
C GLU B 102 24.48 -25.25 -7.70
N ILE B 103 25.03 -25.50 -8.87
CA ILE B 103 25.88 -26.66 -9.08
C ILE B 103 27.22 -26.37 -8.44
N LYS B 104 27.69 -27.25 -7.56
CA LYS B 104 28.96 -27.02 -6.86
C LYS B 104 30.15 -27.50 -7.70
N GLY B 105 31.24 -26.78 -7.65
CA GLY B 105 32.45 -27.18 -8.28
C GLY B 105 33.32 -25.99 -8.53
N THR B 106 34.40 -26.18 -9.30
CA THR B 106 35.34 -25.14 -9.71
C THR B 106 35.27 -25.02 -11.25
N PHE B 107 35.25 -23.79 -11.77
CA PHE B 107 35.23 -23.57 -13.21
C PHE B 107 36.56 -23.90 -13.83
N LEU B 108 36.54 -24.63 -14.92
CA LEU B 108 37.74 -24.93 -15.72
C LEU B 108 38.37 -23.71 -16.25
N THR B 109 39.70 -23.69 -16.17
CA THR B 109 40.52 -22.56 -16.73
C THR B 109 41.73 -23.19 -17.35
N PRO B 110 42.42 -22.49 -18.22
CA PRO B 110 43.78 -22.90 -18.66
C PRO B 110 44.74 -23.26 -17.53
N GLU B 111 44.80 -22.43 -16.49
CA GLU B 111 45.70 -22.68 -15.36
C GLU B 111 45.35 -24.03 -14.70
N ILE B 112 44.08 -24.25 -14.41
CA ILE B 112 43.67 -25.50 -13.79
C ILE B 112 43.98 -26.70 -14.66
N TYR B 113 43.74 -26.58 -15.93
CA TYR B 113 43.96 -27.66 -16.86
C TYR B 113 45.42 -28.08 -16.90
N SER B 114 46.32 -27.11 -16.88
CA SER B 114 47.74 -27.40 -16.98
C SER B 114 48.28 -28.08 -15.71
N THR B 115 47.60 -27.95 -14.57
CA THR B 115 47.91 -28.71 -13.35
C THR B 115 47.29 -30.14 -13.33
N MET B 116 46.41 -30.48 -14.26
CA MET B 116 45.80 -31.81 -14.26
C MET B 116 46.86 -32.78 -14.79
N SER B 117 46.86 -34.01 -14.27
CA SER B 117 47.64 -35.10 -14.82
C SER B 117 47.17 -35.41 -16.21
N GLU B 118 48.05 -36.06 -16.99
CA GLU B 118 47.69 -36.43 -18.35
C GLU B 118 46.40 -37.27 -18.42
N GLU B 119 46.25 -38.20 -17.47
CA GLU B 119 45.08 -39.05 -17.39
C GLU B 119 43.83 -38.25 -17.00
N GLU B 120 43.92 -37.31 -16.07
CA GLU B 120 42.80 -36.39 -15.80
C GLU B 120 42.39 -35.60 -17.05
N GLN B 121 43.33 -35.16 -17.83
CA GLN B 121 43.00 -34.39 -19.00
C GLN B 121 42.30 -35.26 -20.03
N ASN B 122 42.78 -36.49 -20.23
CA ASN B 122 42.16 -37.42 -21.16
C ASN B 122 40.68 -37.68 -20.73
N LEU B 123 40.46 -37.87 -19.43
CA LEU B 123 39.14 -38.20 -18.98
C LEU B 123 38.19 -37.00 -19.20
N LEU B 124 38.67 -35.80 -18.93
CA LEU B 124 37.90 -34.60 -19.15
C LEU B 124 37.51 -34.47 -20.65
N LYS B 125 38.42 -34.72 -21.55
CA LYS B 125 38.11 -34.66 -22.94
C LYS B 125 37.06 -35.70 -23.35
N ARG B 126 37.20 -36.91 -22.83
CA ARG B 126 36.24 -37.94 -23.10
C ARG B 126 34.88 -37.59 -22.55
N ASP B 127 34.85 -37.04 -21.34
CA ASP B 127 33.61 -36.62 -20.75
C ASP B 127 32.94 -35.56 -21.59
N ILE B 128 33.72 -34.62 -22.12
CA ILE B 128 33.13 -33.55 -22.89
C ILE B 128 32.56 -34.11 -24.16
N ALA B 129 33.33 -34.92 -24.85
CA ALA B 129 32.90 -35.47 -26.10
C ALA B 129 31.62 -36.29 -25.92
N SER B 130 31.55 -36.99 -24.82
CA SER B 130 30.44 -37.86 -24.55
C SER B 130 29.15 -37.04 -24.25
N PHE B 131 29.33 -35.96 -23.52
CA PHE B 131 28.25 -35.06 -23.26
C PHE B 131 27.70 -34.45 -24.56
N LEU B 132 28.59 -33.90 -25.37
CA LEU B 132 28.19 -33.29 -26.59
C LEU B 132 27.54 -34.32 -27.51
N ARG B 133 28.09 -35.53 -27.58
CA ARG B 133 27.53 -36.54 -28.48
C ARG B 133 26.09 -36.86 -28.03
N GLN B 134 25.86 -36.92 -26.74
CA GLN B 134 24.56 -37.26 -26.27
C GLN B 134 23.55 -36.14 -26.54
N MET B 135 23.92 -34.89 -26.27
CA MET B 135 23.05 -33.79 -26.45
C MET B 135 22.75 -33.54 -27.95
N HIS B 136 23.75 -33.62 -28.79
CA HIS B 136 23.59 -33.44 -30.22
C HIS B 136 22.79 -34.54 -30.86
N GLY B 137 22.71 -35.71 -30.20
CA GLY B 137 21.89 -36.81 -30.65
C GLY B 137 20.41 -36.75 -30.23
N LEU B 138 19.97 -35.83 -29.40
CA LEU B 138 18.58 -35.85 -28.98
C LEU B 138 17.63 -35.50 -30.10
N ASP B 139 16.51 -36.22 -30.15
CA ASP B 139 15.35 -35.86 -30.94
C ASP B 139 14.81 -34.54 -30.37
N TYR B 140 14.85 -33.50 -31.15
CA TYR B 140 14.52 -32.15 -30.69
C TYR B 140 13.09 -31.67 -31.09
N THR B 141 12.18 -32.60 -31.43
CA THR B 141 10.81 -32.25 -31.85
C THR B 141 10.04 -31.42 -30.83
N ASP B 142 10.18 -31.75 -29.57
CA ASP B 142 9.45 -31.10 -28.48
C ASP B 142 9.92 -29.63 -28.26
N ILE B 143 11.14 -29.27 -28.66
CA ILE B 143 11.61 -27.89 -28.60
C ILE B 143 11.87 -27.37 -30.02
N SER B 144 11.09 -27.81 -30.99
CA SER B 144 11.45 -27.51 -32.40
C SER B 144 11.30 -26.04 -32.82
N GLU B 145 10.63 -25.23 -32.00
CA GLU B 145 10.56 -23.78 -32.20
C GLU B 145 11.87 -23.07 -31.88
N CYS B 146 12.79 -23.69 -31.13
CA CYS B 146 14.02 -23.06 -30.69
C CYS B 146 15.14 -23.13 -31.71
N THR B 147 14.83 -22.85 -32.98
CA THR B 147 15.85 -22.84 -34.05
C THR B 147 16.58 -21.53 -34.08
N ILE B 148 17.82 -21.59 -34.52
CA ILE B 148 18.63 -20.42 -34.67
C ILE B 148 19.32 -20.53 -36.00
N ASP B 149 19.13 -19.51 -36.84
CA ASP B 149 19.73 -19.44 -38.17
C ASP B 149 20.81 -18.34 -38.10
N ASN B 150 22.07 -18.70 -37.93
CA ASN B 150 23.15 -17.73 -37.76
C ASN B 150 23.34 -16.84 -39.01
N LYS B 151 23.26 -17.42 -40.20
CA LYS B 151 23.35 -16.62 -41.42
C LYS B 151 22.24 -15.61 -41.59
N GLN B 152 21.00 -16.01 -41.35
CA GLN B 152 19.87 -15.07 -41.41
C GLN B 152 20.02 -13.99 -40.30
N ASN B 153 20.49 -14.34 -39.11
CA ASN B 153 20.69 -13.34 -38.06
C ASN B 153 21.71 -12.28 -38.50
N VAL B 154 22.76 -12.72 -39.15
CA VAL B 154 23.77 -11.81 -39.65
C VAL B 154 23.22 -10.91 -40.74
N LEU B 155 22.45 -11.46 -41.66
CA LEU B 155 21.84 -10.62 -42.65
C LEU B 155 20.95 -9.58 -42.03
N GLU B 156 20.18 -9.92 -41.02
CA GLU B 156 19.30 -8.91 -40.36
C GLU B 156 20.12 -7.83 -39.64
N GLU B 157 21.26 -8.20 -39.10
CA GLU B 157 22.14 -7.26 -38.46
C GLU B 157 22.81 -6.32 -39.46
N TYR B 158 23.17 -6.84 -40.62
CA TYR B 158 23.73 -6.07 -41.71
C TYR B 158 22.72 -5.09 -42.26
N ILE B 159 21.49 -5.50 -42.40
CA ILE B 159 20.46 -4.57 -42.84
C ILE B 159 20.29 -3.42 -41.84
N LEU B 160 20.28 -3.73 -40.55
CA LEU B 160 20.31 -2.73 -39.52
C LEU B 160 21.48 -1.74 -39.65
N LEU B 161 22.69 -2.23 -39.94
CA LEU B 161 23.83 -1.35 -40.20
C LEU B 161 23.57 -0.42 -41.36
N ARG B 162 23.07 -0.96 -42.48
CA ARG B 162 22.73 -0.16 -43.64
C ARG B 162 21.67 0.86 -43.37
N GLU B 163 20.75 0.57 -42.47
CA GLU B 163 19.70 1.51 -42.04
C GLU B 163 20.16 2.60 -41.09
N THR B 164 21.33 2.47 -40.49
CA THR B 164 21.72 3.36 -39.40
C THR B 164 23.04 4.00 -39.78
N ILE B 165 24.15 3.43 -39.35
CA ILE B 165 25.42 4.10 -39.48
C ILE B 165 26.36 3.72 -40.64
N TYR B 166 25.97 2.81 -41.51
CA TYR B 166 26.90 2.29 -42.51
C TYR B 166 27.49 3.39 -43.36
N ASN B 167 26.69 4.35 -43.77
CA ASN B 167 27.16 5.47 -44.61
C ASN B 167 28.25 6.37 -43.99
N ASP B 168 28.32 6.41 -42.67
CA ASP B 168 29.31 7.14 -41.93
C ASP B 168 30.55 6.35 -41.60
N LEU B 169 30.65 5.10 -42.01
CA LEU B 169 31.82 4.28 -41.73
C LEU B 169 32.91 4.64 -42.69
N THR B 170 34.17 4.43 -42.29
CA THR B 170 35.29 4.65 -43.18
C THR B 170 35.38 3.53 -44.25
N ASP B 171 36.23 3.73 -45.27
CA ASP B 171 36.47 2.71 -46.25
C ASP B 171 37.09 1.46 -45.64
N ILE B 172 38.04 1.60 -44.72
CA ILE B 172 38.65 0.45 -44.10
C ILE B 172 37.60 -0.41 -43.36
N GLU B 173 36.65 0.25 -42.69
CA GLU B 173 35.56 -0.39 -42.00
C GLU B 173 34.58 -1.07 -42.95
N LYS B 174 34.15 -0.35 -43.96
CA LYS B 174 33.33 -0.90 -44.99
C LYS B 174 33.98 -2.08 -45.66
N ASP B 175 35.26 -2.02 -46.00
CA ASP B 175 35.91 -3.19 -46.59
C ASP B 175 35.87 -4.40 -45.69
N TYR B 176 36.05 -4.20 -44.39
CA TYR B 176 36.10 -5.31 -43.48
C TYR B 176 34.71 -5.98 -43.47
N ILE B 177 33.66 -5.17 -43.39
CA ILE B 177 32.32 -5.72 -43.33
C ILE B 177 31.94 -6.41 -44.64
N GLU B 178 32.19 -5.79 -45.77
CA GLU B 178 31.84 -6.34 -47.09
C GLU B 178 32.61 -7.61 -47.33
N SER B 179 33.83 -7.63 -46.92
CA SER B 179 34.64 -8.81 -47.09
C SER B 179 34.08 -9.98 -46.25
N PHE B 180 33.63 -9.68 -45.05
CA PHE B 180 32.96 -10.64 -44.24
C PHE B 180 31.65 -11.18 -44.91
N MET B 181 30.81 -10.28 -45.44
CA MET B 181 29.59 -10.70 -46.08
C MET B 181 29.84 -11.54 -47.35
N GLU B 182 30.89 -11.25 -48.07
CA GLU B 182 31.22 -12.08 -49.27
C GLU B 182 31.61 -13.49 -48.76
N ARG B 183 32.36 -13.55 -47.69
CA ARG B 183 32.72 -14.82 -47.14
C ARG B 183 31.51 -15.60 -46.64
N LEU B 184 30.62 -14.97 -45.93
CA LEU B 184 29.40 -15.60 -45.50
C LEU B 184 28.53 -16.17 -46.60
N ASN B 185 28.46 -15.47 -47.70
CA ASN B 185 27.73 -15.88 -48.85
C ASN B 185 28.35 -17.05 -49.59
N ALA B 186 29.69 -17.20 -49.54
CA ALA B 186 30.36 -18.28 -50.27
C ALA B 186 30.54 -19.52 -49.42
N THR B 187 30.54 -19.42 -48.09
CA THR B 187 30.87 -20.59 -47.29
C THR B 187 29.78 -21.66 -47.37
N THR B 188 30.20 -22.87 -47.13
CA THR B 188 29.29 -24.00 -47.06
C THR B 188 29.19 -24.54 -45.64
N VAL B 189 29.76 -23.90 -44.64
CA VAL B 189 29.71 -24.44 -43.29
C VAL B 189 28.36 -24.40 -42.61
N PHE B 190 27.35 -23.77 -43.21
CA PHE B 190 25.97 -23.82 -42.66
C PHE B 190 25.14 -24.94 -43.29
N GLU B 191 25.72 -25.79 -44.11
CA GLU B 191 24.92 -26.75 -44.84
C GLU B 191 24.97 -28.15 -44.24
N GLY B 192 25.52 -28.30 -43.05
CA GLY B 192 25.69 -29.58 -42.42
C GLY B 192 24.57 -29.90 -41.43
N LYS B 193 24.87 -30.82 -40.53
CA LYS B 193 23.94 -31.31 -39.54
C LYS B 193 23.53 -30.19 -38.54
N LYS B 194 22.22 -30.12 -38.30
CA LYS B 194 21.64 -29.29 -37.28
C LYS B 194 21.26 -30.13 -36.06
N CYS B 195 21.45 -29.60 -34.88
CA CYS B 195 21.02 -30.28 -33.70
C CYS B 195 20.96 -29.31 -32.57
N LEU B 196 20.49 -29.78 -31.42
CA LEU B 196 20.47 -28.95 -30.22
C LEU B 196 21.90 -28.80 -29.68
N CYS B 197 22.35 -27.54 -29.58
CA CYS B 197 23.68 -27.20 -29.11
C CYS B 197 23.59 -26.26 -27.94
N HIS B 198 24.59 -26.31 -27.09
CA HIS B 198 24.72 -25.45 -25.98
C HIS B 198 24.86 -24.00 -26.49
N ASN B 199 25.72 -23.86 -27.45
CA ASN B 199 25.92 -22.63 -28.20
C ASN B 199 26.60 -21.51 -27.44
N ASP B 200 27.25 -21.84 -26.35
CA ASP B 200 28.20 -20.92 -25.70
C ASP B 200 29.16 -21.72 -24.85
N PHE B 201 29.73 -22.76 -25.48
CA PHE B 201 30.37 -23.87 -24.76
C PHE B 201 31.86 -23.58 -24.52
N SER B 202 32.10 -22.61 -23.65
CA SER B 202 33.42 -22.16 -23.31
C SER B 202 33.76 -22.70 -21.94
N CYS B 203 35.03 -22.64 -21.58
CA CYS B 203 35.42 -23.33 -20.39
C CYS B 203 34.96 -22.66 -19.10
N ASN B 204 34.59 -21.38 -19.15
CA ASN B 204 33.92 -20.73 -17.97
C ASN B 204 32.46 -21.22 -17.72
N HIS B 205 31.97 -22.16 -18.49
CA HIS B 205 30.67 -22.75 -18.23
C HIS B 205 30.77 -24.22 -17.83
N LEU B 206 32.01 -24.73 -17.66
CA LEU B 206 32.26 -26.10 -17.28
C LEU B 206 32.81 -26.20 -15.87
N LEU B 207 32.15 -27.02 -15.06
CA LEU B 207 32.51 -27.15 -13.68
C LEU B 207 33.17 -28.50 -13.44
N LEU B 208 34.22 -28.47 -12.62
CA LEU B 208 34.91 -29.69 -12.18
C LEU B 208 34.69 -29.96 -10.72
N ASP B 209 34.66 -31.22 -10.34
CA ASP B 209 34.61 -31.64 -8.92
C ASP B 209 36.02 -31.71 -8.35
N GLY B 210 36.15 -32.24 -7.12
CA GLY B 210 37.44 -32.33 -6.41
C GLY B 210 38.45 -33.30 -7.02
N ASN B 211 37.98 -34.24 -7.83
CA ASN B 211 38.85 -35.14 -8.64
C ASN B 211 39.13 -34.72 -10.10
N ASN B 212 38.88 -33.45 -10.42
CA ASN B 212 39.06 -32.89 -11.77
C ASN B 212 38.24 -33.58 -12.84
N ARG B 213 37.07 -34.06 -12.46
CA ARG B 213 36.13 -34.61 -13.42
C ARG B 213 35.08 -33.55 -13.70
N LEU B 214 34.51 -33.60 -14.90
CA LEU B 214 33.43 -32.76 -15.30
C LEU B 214 32.22 -33.11 -14.50
N THR B 215 31.74 -32.18 -13.75
CA THR B 215 30.63 -32.39 -12.88
C THR B 215 29.42 -31.59 -13.29
N GLY B 216 29.59 -30.50 -14.01
CA GLY B 216 28.46 -29.70 -14.41
C GLY B 216 28.72 -28.76 -15.54
N ILE B 217 27.61 -28.36 -16.16
CA ILE B 217 27.60 -27.41 -17.28
C ILE B 217 26.46 -26.43 -17.09
N ILE B 218 26.76 -25.11 -17.22
CA ILE B 218 25.81 -24.07 -16.98
C ILE B 218 25.58 -23.23 -18.20
N ASP B 219 24.60 -22.35 -18.09
CA ASP B 219 24.34 -21.33 -19.10
C ASP B 219 24.04 -21.86 -20.48
N PHE B 220 22.83 -22.42 -20.59
CA PHE B 220 22.25 -22.80 -21.88
C PHE B 220 21.35 -21.63 -22.36
N GLY B 221 21.70 -20.40 -21.98
CA GLY B 221 20.99 -19.20 -22.40
C GLY B 221 21.04 -18.82 -23.85
N ASP B 222 21.97 -19.37 -24.61
CA ASP B 222 22.01 -19.13 -26.04
C ASP B 222 21.71 -20.41 -26.83
N SER B 223 21.32 -21.47 -26.16
CA SER B 223 21.08 -22.76 -26.77
C SER B 223 19.96 -22.73 -27.74
N GLY B 224 20.05 -23.63 -28.72
CA GLY B 224 18.99 -23.84 -29.64
C GLY B 224 19.43 -24.83 -30.69
N ILE B 225 18.57 -25.00 -31.70
CA ILE B 225 18.83 -25.94 -32.72
C ILE B 225 19.56 -25.15 -33.78
N ILE B 226 20.75 -25.59 -34.13
CA ILE B 226 21.73 -24.78 -34.86
C ILE B 226 22.79 -25.73 -35.41
N ASP B 227 23.74 -25.24 -36.16
CA ASP B 227 24.82 -26.12 -36.65
C ASP B 227 25.61 -26.85 -35.54
N GLU B 228 25.82 -28.12 -35.73
CA GLU B 228 26.65 -28.97 -34.90
C GLU B 228 28.02 -28.34 -34.63
N TYR B 229 28.58 -27.64 -35.62
CA TYR B 229 29.90 -27.03 -35.43
C TYR B 229 29.95 -25.99 -34.28
N CYS B 230 28.79 -25.40 -33.92
CA CYS B 230 28.68 -24.35 -32.92
C CYS B 230 29.29 -24.71 -31.59
N ASP B 231 29.17 -25.97 -31.16
CA ASP B 231 29.67 -26.33 -29.89
C ASP B 231 31.14 -26.54 -29.84
N PHE B 232 31.87 -26.30 -30.93
CA PHE B 232 33.34 -26.44 -30.92
C PHE B 232 34.03 -25.13 -31.07
N ILE B 233 33.29 -24.05 -31.16
CA ILE B 233 33.86 -22.75 -31.47
C ILE B 233 34.91 -22.31 -30.43
N TYR B 234 34.63 -22.55 -29.14
CA TYR B 234 35.51 -22.08 -28.07
C TYR B 234 36.55 -23.15 -27.73
N LEU B 235 36.20 -24.40 -27.85
CA LEU B 235 37.14 -25.49 -27.72
C LEU B 235 38.26 -25.39 -28.74
N LEU B 236 37.98 -24.83 -29.89
CA LEU B 236 39.00 -24.59 -30.93
C LEU B 236 39.73 -23.23 -30.86
N GLU B 237 39.38 -22.38 -29.91
CA GLU B 237 39.90 -21.01 -29.84
C GLU B 237 41.31 -20.99 -29.21
N ASP B 238 42.20 -20.22 -29.82
CA ASP B 238 43.50 -19.90 -29.22
C ASP B 238 43.47 -18.50 -28.55
N SER B 239 43.35 -18.45 -27.23
CA SER B 239 43.25 -17.19 -26.47
C SER B 239 43.62 -17.42 -25.01
N GLU B 240 43.81 -16.36 -24.25
CA GLU B 240 44.13 -16.46 -22.82
C GLU B 240 43.05 -17.21 -22.00
N GLU B 241 41.80 -17.12 -22.43
CA GLU B 241 40.67 -17.60 -21.69
C GLU B 241 40.34 -19.05 -21.99
N GLU B 242 40.74 -19.56 -23.16
CA GLU B 242 40.43 -20.94 -23.51
C GLU B 242 41.69 -21.79 -23.51
N ILE B 243 41.50 -23.11 -23.52
CA ILE B 243 42.58 -24.03 -23.34
C ILE B 243 43.49 -24.15 -24.50
N GLY B 244 42.94 -24.28 -25.70
CA GLY B 244 43.69 -24.22 -26.95
C GLY B 244 43.15 -25.10 -28.06
N THR B 245 43.61 -24.79 -29.28
CA THR B 245 43.20 -25.53 -30.45
C THR B 245 43.34 -27.07 -30.30
N ASN B 246 44.42 -27.53 -29.66
CA ASN B 246 44.73 -28.94 -29.48
C ASN B 246 43.73 -29.68 -28.64
N PHE B 247 43.24 -29.02 -27.61
CA PHE B 247 42.17 -29.52 -26.77
C PHE B 247 40.92 -29.81 -27.62
N GLY B 248 40.52 -28.81 -28.42
CA GLY B 248 39.35 -28.92 -29.28
C GLY B 248 39.49 -30.01 -30.33
N GLU B 249 40.68 -30.09 -30.91
CA GLU B 249 40.95 -31.07 -31.89
C GLU B 249 40.85 -32.47 -31.33
N ASP B 250 41.45 -32.72 -30.16
CA ASP B 250 41.35 -34.03 -29.55
C ASP B 250 39.91 -34.43 -29.22
N ILE B 251 39.15 -33.47 -28.72
CA ILE B 251 37.76 -33.66 -28.42
C ILE B 251 36.98 -33.97 -29.70
N LEU B 252 37.26 -33.25 -30.77
CA LEU B 252 36.65 -33.55 -32.04
C LEU B 252 36.98 -34.99 -32.57
N ARG B 253 38.21 -35.45 -32.40
CA ARG B 253 38.53 -36.82 -32.74
C ARG B 253 37.81 -37.85 -31.92
N MET B 254 37.65 -37.61 -30.64
CA MET B 254 36.87 -38.49 -29.80
C MET B 254 35.39 -38.44 -30.13
N TYR B 255 34.85 -37.26 -30.45
CA TYR B 255 33.45 -37.13 -30.73
C TYR B 255 33.13 -37.92 -32.04
N GLY B 256 34.01 -37.83 -33.04
CA GLY B 256 33.91 -38.54 -34.31
C GLY B 256 32.88 -38.04 -35.31
N ASN B 257 33.01 -38.46 -36.55
CA ASN B 257 32.02 -38.19 -37.58
C ASN B 257 31.78 -36.73 -37.71
N ILE B 258 32.85 -35.95 -37.70
CA ILE B 258 32.71 -34.52 -37.92
C ILE B 258 33.93 -34.00 -38.65
N ASP B 259 33.69 -33.09 -39.58
CA ASP B 259 34.72 -32.54 -40.41
C ASP B 259 35.42 -31.43 -39.61
N ILE B 260 36.64 -31.71 -39.19
CA ILE B 260 37.43 -30.80 -38.38
C ILE B 260 37.77 -29.52 -39.13
N GLU B 261 38.09 -29.59 -40.40
CA GLU B 261 38.40 -28.38 -41.17
C GLU B 261 37.22 -27.42 -41.24
N LYS B 262 36.01 -27.94 -41.38
CA LYS B 262 34.81 -27.10 -41.32
C LYS B 262 34.50 -26.57 -39.97
N ALA B 263 34.71 -27.35 -38.93
CA ALA B 263 34.60 -26.81 -37.59
C ALA B 263 35.49 -25.62 -37.42
N LYS B 264 36.71 -25.69 -37.94
CA LYS B 264 37.62 -24.56 -37.82
C LYS B 264 37.24 -23.40 -38.70
N GLU B 265 36.73 -23.66 -39.90
CA GLU B 265 36.21 -22.57 -40.73
C GLU B 265 35.08 -21.86 -40.02
N TYR B 266 34.19 -22.57 -39.36
CA TYR B 266 33.07 -21.98 -38.66
C TYR B 266 33.60 -21.13 -37.51
N GLN B 267 34.49 -21.66 -36.71
CA GLN B 267 35.09 -20.83 -35.68
C GLN B 267 35.73 -19.55 -36.25
N ASP B 268 36.37 -19.66 -37.42
CA ASP B 268 37.12 -18.55 -37.99
C ASP B 268 36.17 -17.44 -38.47
N ILE B 269 35.06 -17.83 -39.05
CA ILE B 269 34.00 -16.94 -39.47
C ILE B 269 33.36 -16.19 -38.28
N VAL B 270 33.03 -16.91 -37.20
CA VAL B 270 32.48 -16.30 -36.03
C VAL B 270 33.47 -15.33 -35.43
N GLU B 271 34.74 -15.69 -35.40
CA GLU B 271 35.75 -14.77 -34.88
C GLU B 271 35.89 -13.51 -35.81
N GLU B 272 35.78 -13.68 -37.15
CA GLU B 272 35.81 -12.52 -38.00
C GLU B 272 34.63 -11.58 -37.69
N TYR B 273 33.49 -12.14 -37.37
CA TYR B 273 32.31 -11.37 -37.09
C TYR B 273 32.32 -10.53 -35.78
N TYR B 274 33.16 -10.90 -34.84
CA TYR B 274 33.15 -10.28 -33.53
C TYR B 274 33.04 -8.75 -33.47
N PRO B 275 33.91 -8.04 -34.15
CA PRO B 275 33.81 -6.57 -34.11
C PRO B 275 32.53 -6.01 -34.70
N ILE B 276 31.94 -6.71 -35.67
CA ILE B 276 30.72 -6.25 -36.31
C ILE B 276 29.60 -6.48 -35.30
N GLU B 277 29.61 -7.63 -34.65
CA GLU B 277 28.65 -7.95 -33.58
C GLU B 277 28.65 -6.91 -32.47
N THR B 278 29.84 -6.43 -32.14
CA THR B 278 30.04 -5.42 -31.13
C THR B 278 29.39 -4.11 -31.55
N ILE B 279 29.64 -3.69 -32.79
CA ILE B 279 29.03 -2.47 -33.32
C ILE B 279 27.50 -2.55 -33.29
N VAL B 280 26.98 -3.66 -33.76
CA VAL B 280 25.54 -3.88 -33.82
C VAL B 280 24.88 -3.85 -32.42
N TYR B 281 25.54 -4.44 -31.43
CA TYR B 281 25.06 -4.39 -30.04
C TYR B 281 24.91 -2.93 -29.62
N GLY B 282 25.92 -2.10 -29.95
CA GLY B 282 25.87 -0.69 -29.64
C GLY B 282 24.76 0.07 -30.33
N ILE B 283 24.44 -0.30 -31.56
CA ILE B 283 23.38 0.36 -32.26
C ILE B 283 22.05 0.01 -31.59
N LYS B 284 21.81 -1.28 -31.44
CA LYS B 284 20.53 -1.78 -30.93
C LYS B 284 20.26 -1.29 -29.51
N ASN B 285 21.28 -1.12 -28.69
CA ASN B 285 21.11 -0.71 -27.31
C ASN B 285 21.50 0.75 -27.06
N ILE B 286 21.73 1.48 -28.13
CA ILE B 286 22.09 2.89 -28.03
C ILE B 286 23.26 3.03 -27.07
N LYS B 287 24.32 2.28 -27.30
CA LYS B 287 25.55 2.41 -26.49
C LYS B 287 26.76 2.74 -27.36
N GLN B 288 27.09 4.03 -27.44
CA GLN B 288 28.13 4.55 -28.32
C GLN B 288 29.48 3.88 -28.07
N GLU B 289 29.79 3.60 -26.82
CA GLU B 289 31.04 2.97 -26.36
C GLU B 289 31.29 1.68 -27.14
N PHE B 290 30.24 0.91 -27.40
CA PHE B 290 30.35 -0.32 -28.16
C PHE B 290 30.54 -0.13 -29.68
N ILE B 291 29.87 0.87 -30.25
CA ILE B 291 30.07 1.20 -31.62
C ILE B 291 31.54 1.57 -31.82
N GLU B 292 32.07 2.42 -30.94
CA GLU B 292 33.46 2.85 -31.01
C GLU B 292 34.42 1.66 -30.80
N ASN B 293 34.20 0.79 -29.81
CA ASN B 293 35.11 -0.36 -29.59
C ASN B 293 35.16 -1.30 -30.78
N GLY B 294 34.05 -1.57 -31.43
CA GLY B 294 34.09 -2.49 -32.58
C GLY B 294 34.81 -1.86 -33.76
N ARG B 295 34.58 -0.56 -33.98
CA ARG B 295 35.24 0.13 -35.05
C ARG B 295 36.72 0.14 -34.85
N LYS B 296 37.14 0.41 -33.65
CA LYS B 296 38.58 0.38 -33.32
C LYS B 296 39.16 -0.96 -33.49
N GLU B 297 38.40 -1.99 -33.14
CA GLU B 297 38.87 -3.39 -33.25
C GLU B 297 39.08 -3.75 -34.74
N ILE B 298 38.26 -3.20 -35.62
CA ILE B 298 38.49 -3.37 -37.04
C ILE B 298 39.84 -2.80 -37.48
N TYR B 299 40.16 -1.58 -37.05
CA TYR B 299 41.51 -1.03 -37.28
C TYR B 299 42.61 -1.89 -36.70
N LYS B 300 42.44 -2.43 -35.50
CA LYS B 300 43.49 -3.28 -34.90
C LYS B 300 43.72 -4.52 -35.74
N ARG B 301 42.65 -5.17 -36.13
CA ARG B 301 42.77 -6.33 -37.00
C ARG B 301 43.35 -6.02 -38.37
N THR B 302 42.96 -4.90 -38.98
CA THR B 302 43.46 -4.48 -40.30
C THR B 302 44.97 -4.20 -40.28
N TYR B 303 45.53 -3.72 -39.16
CA TYR B 303 46.98 -3.46 -39.05
C TYR B 303 47.86 -4.59 -38.49
N LYS B 304 47.29 -5.55 -37.73
CA LYS B 304 47.95 -6.77 -37.20
C LYS B 304 47.86 -7.81 -38.31
N THR C 10 -20.76 -3.84 9.13
CA THR C 10 -20.04 -3.30 7.93
C THR C 10 -19.49 -1.84 8.08
N ASN C 11 -20.27 -0.95 8.70
CA ASN C 11 -19.74 0.35 9.24
C ASN C 11 -18.69 0.10 10.33
N VAL C 12 -19.07 -0.84 11.19
CA VAL C 12 -18.26 -1.32 12.24
C VAL C 12 -16.89 -1.85 11.75
N LYS C 13 -16.84 -2.57 10.63
CA LYS C 13 -15.58 -3.11 10.10
C LYS C 13 -14.66 -2.03 9.61
N ALA C 14 -15.21 -1.09 8.85
CA ALA C 14 -14.42 0.08 8.41
C ALA C 14 -13.81 0.81 9.58
N MET C 15 -14.61 1.09 10.60
CA MET C 15 -14.14 1.87 11.72
C MET C 15 -13.14 1.05 12.57
N LYS C 16 -13.39 -0.26 12.71
CA LYS C 16 -12.38 -1.12 13.29
C LYS C 16 -11.05 -1.03 12.55
N TYR C 17 -11.08 -1.08 11.22
CA TYR C 17 -9.87 -0.92 10.46
C TYR C 17 -9.16 0.42 10.74
N LEU C 18 -9.92 1.50 10.73
CA LEU C 18 -9.34 2.85 10.95
C LEU C 18 -8.74 3.06 12.33
N ILE C 19 -9.41 2.57 13.36
CA ILE C 19 -8.87 2.61 14.70
C ILE C 19 -7.55 1.86 14.75
N GLU C 20 -7.49 0.64 14.23
CA GLU C 20 -6.25 -0.11 14.26
C GLU C 20 -5.16 0.51 13.38
N HIS C 21 -5.54 1.22 12.32
CA HIS C 21 -4.57 1.82 11.42
C HIS C 21 -3.95 3.07 12.08
N TYR C 22 -4.79 3.91 12.70
CA TYR C 22 -4.31 5.20 13.25
C TYR C 22 -3.72 5.16 14.66
N PHE C 23 -4.12 4.16 15.47
CA PHE C 23 -3.60 3.94 16.81
C PHE C 23 -2.89 2.61 16.80
N ASP C 24 -1.59 2.73 16.52
CA ASP C 24 -0.60 1.65 16.41
C ASP C 24 -0.76 0.39 17.28
N ASN C 25 -0.94 0.51 18.58
CA ASN C 25 -0.90 -0.71 19.34
C ASN C 25 -2.30 -1.17 19.72
N PHE C 26 -3.34 -0.62 19.13
CA PHE C 26 -4.67 -0.85 19.68
C PHE C 26 -5.34 -2.01 19.01
N LYS C 27 -5.84 -2.99 19.77
CA LYS C 27 -6.57 -4.12 19.18
C LYS C 27 -8.04 -4.07 19.45
N VAL C 28 -8.82 -4.19 18.41
CA VAL C 28 -10.28 -4.15 18.54
C VAL C 28 -10.81 -5.58 18.63
N ASP C 29 -11.19 -6.03 19.81
CA ASP C 29 -11.82 -7.35 20.03
C ASP C 29 -13.33 -7.30 19.85
N SER C 30 -13.94 -6.18 20.14
CA SER C 30 -15.35 -6.01 19.78
C SER C 30 -15.61 -4.52 19.55
N ILE C 31 -16.66 -4.26 18.78
CA ILE C 31 -17.01 -2.90 18.40
C ILE C 31 -18.49 -2.86 18.01
N GLU C 32 -19.25 -1.99 18.66
CA GLU C 32 -20.63 -1.74 18.24
C GLU C 32 -20.93 -0.26 18.25
N ILE C 33 -21.95 0.14 17.52
CA ILE C 33 -22.44 1.50 17.47
C ILE C 33 -23.22 1.81 18.76
N ILE C 34 -22.84 2.83 19.49
CA ILE C 34 -23.47 3.17 20.79
C ILE C 34 -24.31 4.43 20.65
N GLY C 35 -24.02 5.22 19.60
CA GLY C 35 -24.82 6.34 19.28
C GLY C 35 -24.38 6.99 18.00
N SER C 36 -25.17 7.94 17.54
CA SER C 36 -24.89 8.54 16.26
C SER C 36 -25.69 9.82 16.07
N GLY C 37 -25.05 10.83 15.49
CA GLY C 37 -25.70 12.06 15.17
C GLY C 37 -25.88 12.16 13.68
N TYR C 38 -26.04 13.38 13.20
CA TYR C 38 -26.26 13.60 11.80
C TYR C 38 -24.92 13.63 11.06
N ASP C 39 -23.82 13.90 11.73
CA ASP C 39 -22.57 13.77 11.00
C ASP C 39 -21.47 13.12 11.82
N SER C 40 -21.82 12.26 12.77
CA SER C 40 -20.84 11.56 13.53
C SER C 40 -21.42 10.21 13.94
N VAL C 41 -20.52 9.29 14.27
CA VAL C 41 -20.90 8.05 14.89
C VAL C 41 -20.04 7.77 16.07
N ALA C 42 -20.62 7.24 17.11
CA ALA C 42 -19.87 6.83 18.27
C ALA C 42 -19.95 5.32 18.48
N TYR C 43 -18.80 4.76 18.86
CA TYR C 43 -18.63 3.33 18.97
C TYR C 43 -18.14 2.95 20.36
N LEU C 44 -18.66 1.84 20.88
CA LEU C 44 -18.10 1.21 22.09
C LEU C 44 -17.23 0.07 21.69
N VAL C 45 -15.94 0.22 22.01
CA VAL C 45 -14.89 -0.72 21.67
C VAL C 45 -14.38 -1.49 22.90
N ASN C 46 -14.31 -2.82 22.79
CA ASN C 46 -13.78 -3.75 23.84
C ASN C 46 -14.55 -3.62 25.13
N ASN C 47 -15.84 -3.29 25.05
CA ASN C 47 -16.65 -2.85 26.18
C ASN C 47 -15.99 -1.92 27.22
N GLU C 48 -15.08 -1.09 26.73
CA GLU C 48 -14.24 -0.29 27.61
C GLU C 48 -13.96 1.13 27.10
N TYR C 49 -13.86 1.32 25.78
CA TYR C 49 -13.48 2.60 25.19
C TYR C 49 -14.59 3.16 24.32
N ILE C 50 -14.82 4.46 24.40
CA ILE C 50 -15.66 5.18 23.47
C ILE C 50 -14.80 5.75 22.42
N PHE C 51 -15.17 5.57 21.17
CA PHE C 51 -14.50 6.26 20.08
C PHE C 51 -15.56 7.08 19.38
N LYS C 52 -15.43 8.40 19.41
CA LYS C 52 -16.35 9.29 18.64
C LYS C 52 -15.68 9.59 17.34
N THR C 53 -16.42 9.54 16.24
CA THR C 53 -15.81 9.69 14.93
C THR C 53 -16.63 10.56 14.04
N LYS C 54 -15.96 11.19 13.08
CA LYS C 54 -16.56 12.17 12.22
C LYS C 54 -15.78 12.18 10.91
N PHE C 55 -16.44 12.21 9.75
CA PHE C 55 -15.79 12.48 8.41
C PHE C 55 -15.89 13.97 7.92
N SER C 56 -16.00 14.38 6.69
CA SER C 56 -15.96 15.87 6.41
C SER C 56 -16.94 16.84 7.07
N TYR C 63 -13.44 18.58 16.52
CA TYR C 63 -12.83 17.68 17.46
C TYR C 63 -11.54 18.17 18.12
N ALA C 64 -10.83 19.10 17.44
CA ALA C 64 -9.71 19.74 18.07
C ALA C 64 -10.12 20.57 19.30
N LYS C 65 -11.19 21.37 19.19
CA LYS C 65 -11.68 22.17 20.31
C LYS C 65 -12.14 21.30 21.45
N GLU C 66 -12.89 20.26 21.11
CA GLU C 66 -13.42 19.37 22.10
C GLU C 66 -12.27 18.72 22.91
N LYS C 67 -11.24 18.24 22.19
CA LYS C 67 -10.07 17.70 22.81
C LYS C 67 -9.35 18.74 23.72
N ALA C 68 -9.19 19.96 23.23
CA ALA C 68 -8.57 21.01 24.03
C ALA C 68 -9.39 21.30 25.30
N ILE C 69 -10.72 21.15 25.21
CA ILE C 69 -11.55 21.39 26.36
C ILE C 69 -11.47 20.29 27.37
N TYR C 70 -11.49 19.02 26.95
CA TYR C 70 -11.31 17.91 27.88
C TYR C 70 -9.96 18.05 28.58
N ASN C 71 -8.93 18.39 27.85
CA ASN C 71 -7.62 18.44 28.42
C ASN C 71 -7.54 19.67 29.42
N PHE C 72 -8.10 20.83 29.07
CA PHE C 72 -8.25 21.91 30.01
C PHE C 72 -8.99 21.54 31.30
N LEU C 73 -10.09 20.81 31.15
CA LEU C 73 -10.94 20.50 32.30
C LEU C 73 -10.34 19.42 33.20
N ASN C 74 -9.65 18.45 32.61
CA ASN C 74 -9.07 17.35 33.39
C ASN C 74 -7.88 17.89 34.16
N THR C 75 -7.22 18.95 33.67
CA THR C 75 -6.21 19.65 34.45
C THR C 75 -6.79 20.47 35.61
N ASN C 76 -7.88 21.21 35.37
CA ASN C 76 -8.27 22.30 36.27
C ASN C 76 -9.49 22.04 37.14
N LEU C 77 -10.38 21.12 36.81
CA LEU C 77 -11.52 20.84 37.71
C LEU C 77 -11.10 19.98 38.89
N GLU C 78 -11.55 20.32 40.10
CA GLU C 78 -11.48 19.36 41.23
C GLU C 78 -12.92 18.82 41.45
N THR C 79 -13.18 17.56 41.11
CA THR C 79 -14.52 17.04 41.24
C THR C 79 -14.44 15.55 41.26
N ASN C 80 -15.41 14.87 41.84
CA ASN C 80 -15.52 13.41 41.68
C ASN C 80 -16.31 12.98 40.49
N VAL C 81 -16.92 13.95 39.82
CA VAL C 81 -17.71 13.64 38.61
C VAL C 81 -16.72 13.38 37.48
N LYS C 82 -16.86 12.26 36.79
CA LYS C 82 -15.96 11.92 35.69
C LYS C 82 -16.39 12.58 34.39
N ILE C 83 -15.41 12.96 33.60
CA ILE C 83 -15.59 13.39 32.27
C ILE C 83 -14.62 12.66 31.32
N PRO C 84 -14.86 12.71 30.01
CA PRO C 84 -13.94 12.06 29.13
C PRO C 84 -12.53 12.49 29.33
N ASN C 85 -11.63 11.52 29.30
CA ASN C 85 -10.23 11.84 29.32
C ASN C 85 -9.56 11.20 28.10
N ILE C 86 -9.12 12.04 27.20
CA ILE C 86 -8.74 11.59 25.87
C ILE C 86 -7.43 10.85 25.87
N GLU C 87 -7.46 9.56 25.52
CA GLU C 87 -6.27 8.79 25.33
C GLU C 87 -5.85 8.66 23.89
N TYR C 88 -6.77 8.71 22.93
CA TYR C 88 -6.45 8.52 21.51
C TYR C 88 -7.10 9.65 20.73
N SER C 89 -6.37 10.26 19.82
CA SER C 89 -6.96 11.22 18.97
C SER C 89 -6.25 11.19 17.65
N TYR C 90 -7.02 11.33 16.57
CA TYR C 90 -6.53 11.56 15.25
C TYR C 90 -7.39 12.65 14.66
N ILE C 91 -6.77 13.73 14.21
CA ILE C 91 -7.54 14.86 13.72
C ILE C 91 -6.97 15.25 12.36
N SER C 92 -7.85 15.34 11.36
CA SER C 92 -7.49 15.75 10.00
C SER C 92 -8.75 16.33 9.34
N ASP C 93 -8.60 17.02 8.20
CA ASP C 93 -9.77 17.65 7.58
C ASP C 93 -10.88 16.60 7.25
N GLU C 94 -10.45 15.41 6.82
CA GLU C 94 -11.37 14.40 6.29
C GLU C 94 -11.85 13.41 7.38
N LEU C 95 -11.17 13.32 8.52
CA LEU C 95 -11.49 12.31 9.52
C LEU C 95 -11.02 12.75 10.87
N SER C 96 -11.86 12.61 11.87
CA SER C 96 -11.46 12.90 13.25
C SER C 96 -12.01 11.82 14.16
N ILE C 97 -11.16 11.39 15.09
CA ILE C 97 -11.49 10.35 16.02
C ILE C 97 -10.98 10.78 17.39
N LEU C 98 -11.82 10.67 18.42
CA LEU C 98 -11.42 10.86 19.81
C LEU C 98 -11.77 9.61 20.53
N GLY C 99 -10.86 9.07 21.28
CA GLY C 99 -11.11 7.88 22.07
C GLY C 99 -10.77 8.04 23.54
N TYR C 100 -11.61 7.50 24.41
CA TYR C 100 -11.46 7.66 25.83
C TYR C 100 -12.16 6.53 26.52
N LYS C 101 -11.83 6.27 27.76
CA LYS C 101 -12.53 5.21 28.50
C LYS C 101 -13.98 5.57 28.80
N GLU C 102 -14.87 4.59 28.55
CA GLU C 102 -16.30 4.74 28.74
C GLU C 102 -16.49 5.05 30.19
N ILE C 103 -17.21 6.12 30.50
CA ILE C 103 -17.69 6.33 31.87
C ILE C 103 -18.87 5.41 32.07
N LYS C 104 -18.84 4.59 33.09
CA LYS C 104 -19.86 3.55 33.30
C LYS C 104 -21.08 4.13 34.03
N GLY C 105 -22.27 3.69 33.65
CA GLY C 105 -23.44 4.16 34.27
C GLY C 105 -24.62 4.17 33.39
N THR C 106 -25.69 4.77 33.89
CA THR C 106 -26.99 4.85 33.19
C THR C 106 -27.29 6.34 32.96
N PHE C 107 -27.76 6.68 31.76
CA PHE C 107 -28.10 8.06 31.44
C PHE C 107 -29.40 8.44 32.12
N LEU C 108 -29.40 9.62 32.72
CA LEU C 108 -30.60 10.17 33.37
C LEU C 108 -31.73 10.37 32.38
N THR C 109 -32.93 10.00 32.81
CA THR C 109 -34.15 10.20 32.01
C THR C 109 -35.25 10.59 32.95
N PRO C 110 -36.31 11.18 32.41
CA PRO C 110 -37.54 11.40 33.21
C PRO C 110 -38.04 10.17 33.95
N GLU C 111 -38.12 9.00 33.28
CA GLU C 111 -38.59 7.79 33.94
C GLU C 111 -37.73 7.44 35.15
N ILE C 112 -36.42 7.44 34.98
CA ILE C 112 -35.55 7.09 36.08
C ILE C 112 -35.70 8.06 37.24
N TYR C 113 -35.79 9.35 36.92
CA TYR C 113 -35.87 10.36 37.94
C TYR C 113 -37.12 10.19 38.81
N SER C 114 -38.24 9.86 38.17
CA SER C 114 -39.50 9.75 38.89
C SER C 114 -39.51 8.51 39.83
N THR C 115 -38.68 7.50 39.59
CA THR C 115 -38.45 6.40 40.52
C THR C 115 -37.43 6.71 41.66
N MET C 116 -36.72 7.81 41.62
CA MET C 116 -35.74 8.16 42.67
C MET C 116 -36.53 8.64 43.91
N SER C 117 -36.04 8.32 45.10
CA SER C 117 -36.56 8.88 46.35
C SER C 117 -36.31 10.36 46.38
N GLU C 118 -37.04 11.05 47.22
CA GLU C 118 -36.88 12.51 47.36
C GLU C 118 -35.41 12.90 47.67
N GLU C 119 -34.77 12.13 48.54
CA GLU C 119 -33.40 12.39 48.95
C GLU C 119 -32.42 12.12 47.79
N GLU C 120 -32.62 11.05 47.03
CA GLU C 120 -31.84 10.88 45.80
C GLU C 120 -32.00 12.05 44.82
N GLN C 121 -33.20 12.56 44.66
CA GLN C 121 -33.41 13.64 43.73
C GLN C 121 -32.72 14.89 44.21
N ASN C 122 -32.80 15.20 45.49
CA ASN C 122 -32.14 16.40 46.02
C ASN C 122 -30.63 16.29 45.84
N LEU C 123 -30.06 15.12 46.05
CA LEU C 123 -28.61 14.99 45.97
C LEU C 123 -28.18 15.16 44.52
N LEU C 124 -28.95 14.60 43.58
CA LEU C 124 -28.66 14.78 42.17
C LEU C 124 -28.67 16.27 41.78
N LYS C 125 -29.66 17.01 42.24
CA LYS C 125 -29.72 18.41 41.96
C LYS C 125 -28.56 19.18 42.53
N ARG C 126 -28.18 18.85 43.75
CA ARG C 126 -27.06 19.48 44.41
C ARG C 126 -25.79 19.17 43.67
N ASP C 127 -25.61 17.93 43.26
CA ASP C 127 -24.42 17.56 42.52
C ASP C 127 -24.35 18.33 41.21
N ILE C 128 -25.47 18.52 40.53
CA ILE C 128 -25.44 19.20 39.26
C ILE C 128 -25.07 20.66 39.48
N ALA C 129 -25.75 21.29 40.43
CA ALA C 129 -25.50 22.67 40.70
C ALA C 129 -24.05 22.91 41.10
N SER C 130 -23.50 21.97 41.84
CA SER C 130 -22.15 22.08 42.35
C SER C 130 -21.13 21.94 41.22
N PHE C 131 -21.41 21.01 40.30
CA PHE C 131 -20.57 20.85 39.14
C PHE C 131 -20.59 22.12 38.30
N LEU C 132 -21.77 22.62 37.97
CA LEU C 132 -21.88 23.80 37.16
C LEU C 132 -21.21 24.96 37.85
N ARG C 133 -21.38 25.11 39.14
CA ARG C 133 -20.77 26.26 39.84
C ARG C 133 -19.25 26.18 39.73
N GLN C 134 -18.72 24.98 39.85
CA GLN C 134 -17.30 24.83 39.78
C GLN C 134 -16.75 25.12 38.39
N MET C 135 -17.39 24.57 37.36
CA MET C 135 -16.96 24.79 36.00
C MET C 135 -17.10 26.26 35.57
N HIS C 136 -18.21 26.87 35.89
CA HIS C 136 -18.46 28.28 35.56
C HIS C 136 -17.54 29.24 36.31
N GLY C 137 -16.96 28.77 37.42
CA GLY C 137 -16.01 29.53 38.18
C GLY C 137 -14.57 29.43 37.71
N LEU C 138 -14.23 28.58 36.76
CA LEU C 138 -12.85 28.45 36.36
C LEU C 138 -12.29 29.67 35.71
N ASP C 139 -11.04 29.98 36.06
CA ASP C 139 -10.22 30.89 35.32
C ASP C 139 -10.02 30.28 33.90
N TYR C 140 -10.57 30.98 32.90
CA TYR C 140 -10.57 30.44 31.54
C TYR C 140 -9.49 31.09 30.63
N THR C 141 -8.47 31.73 31.20
CA THR C 141 -7.45 32.44 30.42
C THR C 141 -6.70 31.50 29.45
N ASP C 142 -6.39 30.29 29.91
CA ASP C 142 -5.68 29.32 29.08
C ASP C 142 -6.44 28.85 27.84
N ILE C 143 -7.78 28.89 27.88
CA ILE C 143 -8.59 28.56 26.71
C ILE C 143 -9.33 29.79 26.20
N SER C 144 -8.77 30.98 26.34
CA SER C 144 -9.58 32.20 26.14
C SER C 144 -10.00 32.48 24.68
N GLU C 145 -9.38 31.78 23.73
CA GLU C 145 -9.76 31.81 22.32
C GLU C 145 -11.07 31.08 22.06
N CYS C 146 -11.52 30.19 22.94
CA CYS C 146 -12.74 29.40 22.75
C CYS C 146 -14.02 30.18 23.14
N THR C 147 -14.10 31.47 22.80
CA THR C 147 -15.29 32.26 23.00
C THR C 147 -16.36 32.02 21.96
N ILE C 148 -17.60 32.18 22.36
CA ILE C 148 -18.73 32.00 21.50
C ILE C 148 -19.64 33.18 21.80
N ASP C 149 -19.97 33.97 20.78
CA ASP C 149 -20.89 35.11 20.95
C ASP C 149 -22.20 34.73 20.22
N ASN C 150 -23.20 34.26 20.97
CA ASN C 150 -24.43 33.76 20.38
C ASN C 150 -25.19 34.87 19.61
N LYS C 151 -25.25 36.07 20.19
CA LYS C 151 -25.93 37.15 19.50
C LYS C 151 -25.28 37.58 18.23
N GLN C 152 -23.96 37.73 18.24
CA GLN C 152 -23.22 38.07 17.02
C GLN C 152 -23.39 36.96 15.95
N ASN C 153 -23.33 35.67 16.36
CA ASN C 153 -23.52 34.59 15.38
C ASN C 153 -24.93 34.69 14.69
N VAL C 154 -25.95 35.01 15.47
CA VAL C 154 -27.27 35.19 14.93
C VAL C 154 -27.37 36.38 13.98
N LEU C 155 -26.76 37.50 14.33
CA LEU C 155 -26.79 38.63 13.42
C LEU C 155 -26.11 38.28 12.12
N GLU C 156 -25.00 37.53 12.15
CA GLU C 156 -24.33 37.17 10.89
C GLU C 156 -25.22 36.21 10.06
N GLU C 157 -25.96 35.34 10.74
CA GLU C 157 -26.83 34.41 10.10
C GLU C 157 -28.03 35.12 9.46
N TYR C 158 -28.54 36.19 10.09
CA TYR C 158 -29.58 37.00 9.49
C TYR C 158 -29.15 37.65 8.18
N ILE C 159 -27.97 38.19 8.16
CA ILE C 159 -27.48 38.79 6.93
C ILE C 159 -27.40 37.74 5.80
N LEU C 160 -26.87 36.57 6.14
CA LEU C 160 -26.81 35.46 5.24
C LEU C 160 -28.22 35.09 4.66
N LEU C 161 -29.26 35.07 5.51
CA LEU C 161 -30.62 34.84 5.01
C LEU C 161 -31.06 35.85 4.00
N ARG C 162 -30.85 37.14 4.33
CA ARG C 162 -31.20 38.21 3.47
C ARG C 162 -30.47 38.16 2.14
N GLU C 163 -29.23 37.68 2.15
CA GLU C 163 -28.46 37.51 0.92
C GLU C 163 -28.85 36.28 0.06
N THR C 164 -29.60 35.34 0.58
CA THR C 164 -29.80 34.08 -0.12
C THR C 164 -31.29 33.87 -0.32
N ILE C 165 -31.97 33.21 0.58
CA ILE C 165 -33.36 32.81 0.36
C ILE C 165 -34.48 33.68 0.90
N TYR C 166 -34.17 34.75 1.64
CA TYR C 166 -35.20 35.48 2.33
C TYR C 166 -36.32 35.93 1.43
N ASN C 167 -35.98 36.46 0.27
CA ASN C 167 -36.98 36.99 -0.67
C ASN C 167 -37.95 35.94 -1.25
N ASP C 168 -37.62 34.66 -1.21
CA ASP C 168 -38.53 33.59 -1.58
C ASP C 168 -39.32 32.99 -0.47
N LEU C 169 -39.18 33.49 0.75
CA LEU C 169 -39.91 32.92 1.88
C LEU C 169 -41.33 33.50 1.82
N THR C 170 -42.28 32.81 2.46
CA THR C 170 -43.61 33.33 2.57
C THR C 170 -43.69 34.47 3.59
N ASP C 171 -44.80 35.20 3.63
CA ASP C 171 -44.98 36.31 4.53
C ASP C 171 -45.00 35.79 5.98
N ILE C 172 -45.63 34.66 6.24
CA ILE C 172 -45.66 34.12 7.60
C ILE C 172 -44.25 33.83 8.12
N GLU C 173 -43.40 33.28 7.24
CA GLU C 173 -42.00 32.99 7.53
C GLU C 173 -41.18 34.26 7.75
N LYS C 174 -41.32 35.22 6.84
CA LYS C 174 -40.68 36.48 7.00
C LYS C 174 -41.10 37.18 8.29
N ASP C 175 -42.38 37.18 8.63
CA ASP C 175 -42.79 37.78 9.89
C ASP C 175 -42.18 37.12 11.10
N TYR C 176 -42.03 35.81 11.07
CA TYR C 176 -41.49 35.09 12.19
C TYR C 176 -40.02 35.54 12.37
N ILE C 177 -39.26 35.64 11.29
CA ILE C 177 -37.88 36.00 11.37
C ILE C 177 -37.73 37.42 11.86
N GLU C 178 -38.46 38.37 11.28
CA GLU C 178 -38.38 39.77 11.63
C GLU C 178 -38.76 39.98 13.12
N SER C 179 -39.77 39.26 13.53
CA SER C 179 -40.23 39.39 14.85
C SER C 179 -39.17 38.85 15.86
N PHE C 180 -38.49 37.78 15.48
CA PHE C 180 -37.41 37.25 16.25
C PHE C 180 -36.27 38.28 16.35
N MET C 181 -35.88 38.89 15.23
CA MET C 181 -34.79 39.84 15.23
C MET C 181 -35.10 41.07 16.05
N GLU C 182 -36.34 41.52 16.08
CA GLU C 182 -36.71 42.64 16.91
C GLU C 182 -36.46 42.24 18.39
N ARG C 183 -36.90 41.06 18.74
CA ARG C 183 -36.72 40.60 20.06
C ARG C 183 -35.20 40.45 20.46
N LEU C 184 -34.42 39.85 19.59
CA LEU C 184 -33.00 39.71 19.82
C LEU C 184 -32.25 41.02 19.98
N ASN C 185 -32.66 42.04 19.24
CA ASN C 185 -32.02 43.32 19.28
C ASN C 185 -32.42 44.11 20.49
N ALA C 186 -33.59 43.86 21.11
CA ALA C 186 -33.97 44.59 22.35
C ALA C 186 -33.51 43.85 23.63
N THR C 187 -33.21 42.58 23.61
CA THR C 187 -33.05 41.81 24.84
C THR C 187 -31.79 42.18 25.57
N THR C 188 -31.82 41.95 26.87
CA THR C 188 -30.66 42.14 27.72
C THR C 188 -30.04 40.84 28.19
N VAL C 189 -30.57 39.69 27.78
CA VAL C 189 -30.07 38.45 28.34
C VAL C 189 -28.65 38.06 27.91
N PHE C 190 -28.06 38.72 26.91
CA PHE C 190 -26.68 38.43 26.51
C PHE C 190 -25.67 39.34 27.19
N GLU C 191 -26.09 40.19 28.11
CA GLU C 191 -25.22 41.18 28.68
C GLU C 191 -24.73 40.80 30.05
N GLY C 192 -25.00 39.58 30.51
CA GLY C 192 -24.57 39.13 31.83
C GLY C 192 -23.26 38.38 31.82
N LYS C 193 -23.03 37.61 32.90
CA LYS C 193 -21.78 36.93 33.13
C LYS C 193 -21.45 35.89 32.07
N LYS C 194 -20.21 35.91 31.57
CA LYS C 194 -19.69 34.94 30.65
C LYS C 194 -18.77 33.97 31.35
N CYS C 195 -18.78 32.71 30.97
CA CYS C 195 -17.89 31.76 31.57
C CYS C 195 -17.83 30.53 30.73
N LEU C 196 -16.99 29.59 31.11
CA LEU C 196 -16.91 28.31 30.43
C LEU C 196 -18.12 27.44 30.71
N CYS C 197 -18.84 27.07 29.67
CA CYS C 197 -20.09 26.29 29.78
C CYS C 197 -20.02 25.05 28.96
N HIS C 198 -20.73 24.04 29.41
CA HIS C 198 -20.85 22.79 28.69
C HIS C 198 -21.49 23.02 27.35
N ASN C 199 -22.57 23.77 27.41
CA ASN C 199 -23.31 24.28 26.26
C ASN C 199 -24.09 23.23 25.49
N ASP C 200 -24.30 22.06 26.08
CA ASP C 200 -25.29 21.12 25.57
C ASP C 200 -25.76 20.21 26.72
N PHE C 201 -26.12 20.86 27.84
CA PHE C 201 -26.21 20.19 29.14
C PHE C 201 -27.60 19.63 29.38
N SER C 202 -27.90 18.57 28.66
CA SER C 202 -29.20 17.92 28.69
C SER C 202 -29.04 16.63 29.42
N CYS C 203 -30.14 16.02 29.82
CA CYS C 203 -30.03 14.88 30.70
C CYS C 203 -29.52 13.62 30.01
N ASN C 204 -29.56 13.54 28.70
CA ASN C 204 -28.86 12.43 27.97
C ASN C 204 -27.30 12.56 27.95
N HIS C 205 -26.75 13.56 28.61
CA HIS C 205 -25.32 13.65 28.76
C HIS C 205 -24.89 13.47 30.22
N LEU C 206 -25.82 13.15 31.11
CA LEU C 206 -25.55 12.92 32.54
C LEU C 206 -25.68 11.47 32.91
N LEU C 207 -24.66 10.95 33.54
CA LEU C 207 -24.63 9.56 33.94
C LEU C 207 -24.80 9.40 35.42
N LEU C 208 -25.59 8.39 35.77
CA LEU C 208 -25.74 7.96 37.18
C LEU C 208 -25.09 6.64 37.43
N ASP C 209 -24.58 6.45 38.66
CA ASP C 209 -24.06 5.14 39.10
C ASP C 209 -25.18 4.30 39.67
N GLY C 210 -24.87 3.15 40.26
CA GLY C 210 -25.84 2.20 40.82
C GLY C 210 -26.60 2.71 42.03
N ASN C 211 -26.11 3.74 42.69
CA ASN C 211 -26.85 4.46 43.78
C ASN C 211 -27.65 5.73 43.36
N ASN C 212 -27.84 5.92 42.05
CA ASN C 212 -28.52 7.07 41.49
C ASN C 212 -27.84 8.40 41.79
N ARG C 213 -26.52 8.36 41.93
CA ARG C 213 -25.72 9.55 42.11
C ARG C 213 -25.09 9.94 40.80
N LEU C 214 -24.81 11.21 40.62
CA LEU C 214 -24.23 11.73 39.40
C LEU C 214 -22.80 11.26 39.40
N THR C 215 -22.46 10.48 38.40
CA THR C 215 -21.15 9.93 38.31
C THR C 215 -20.37 10.48 37.16
N GLY C 216 -21.03 10.97 36.13
CA GLY C 216 -20.30 11.48 34.96
C GLY C 216 -21.08 12.37 34.07
N ILE C 217 -20.33 13.14 33.28
CA ILE C 217 -20.88 14.04 32.28
C ILE C 217 -20.08 13.94 30.99
N ILE C 218 -20.79 13.83 29.87
CA ILE C 218 -20.18 13.64 28.57
C ILE C 218 -20.52 14.74 27.63
N ASP C 219 -19.85 14.72 26.50
CA ASP C 219 -20.13 15.52 25.33
C ASP C 219 -20.00 16.98 25.60
N PHE C 220 -18.74 17.42 25.74
CA PHE C 220 -18.41 18.83 25.82
C PHE C 220 -18.03 19.32 24.41
N GLY C 221 -18.54 18.67 23.36
CA GLY C 221 -18.30 19.07 22.00
C GLY C 221 -18.75 20.48 21.54
N ASP C 222 -19.63 21.13 22.26
CA ASP C 222 -20.10 22.45 21.94
C ASP C 222 -19.67 23.50 22.99
N SER C 223 -18.82 23.07 23.94
CA SER C 223 -18.37 23.91 25.03
C SER C 223 -17.57 25.09 24.58
N GLY C 224 -17.66 26.15 25.39
CA GLY C 224 -16.90 27.36 25.12
C GLY C 224 -17.26 28.41 26.11
N ILE C 225 -16.66 29.58 25.96
CA ILE C 225 -16.88 30.67 26.87
C ILE C 225 -18.05 31.44 26.30
N ILE C 226 -19.12 31.57 27.06
CA ILE C 226 -20.44 31.97 26.56
C ILE C 226 -21.28 32.39 27.74
N ASP C 227 -22.50 32.86 27.54
CA ASP C 227 -23.34 33.23 28.70
C ASP C 227 -23.60 32.11 29.70
N GLU C 228 -23.46 32.41 30.98
CA GLU C 228 -23.79 31.52 32.09
C GLU C 228 -25.17 30.91 31.94
N TYR C 229 -26.13 31.67 31.41
CA TYR C 229 -27.48 31.11 31.23
C TYR C 229 -27.56 29.87 30.31
N CYS C 230 -26.58 29.71 29.42
CA CYS C 230 -26.53 28.59 28.45
C CYS C 230 -26.66 27.23 29.07
N ASP C 231 -26.06 27.00 30.23
CA ASP C 231 -26.10 25.67 30.78
C ASP C 231 -27.38 25.33 31.46
N PHE C 232 -28.38 26.21 31.41
CA PHE C 232 -29.67 25.92 32.03
C PHE C 232 -30.74 25.76 31.01
N ILE C 233 -30.41 25.85 29.73
CA ILE C 233 -31.40 25.83 28.73
C ILE C 233 -32.18 24.53 28.70
N TYR C 234 -31.54 23.40 28.92
CA TYR C 234 -32.23 22.09 28.88
C TYR C 234 -32.79 21.71 30.23
N LEU C 235 -32.11 22.08 31.29
CA LEU C 235 -32.65 21.90 32.61
C LEU C 235 -33.96 22.62 32.82
N LEU C 236 -34.15 23.73 32.11
CA LEU C 236 -35.43 24.48 32.15
C LEU C 236 -36.45 24.09 31.08
N GLU C 237 -36.13 23.14 30.24
CA GLU C 237 -37.03 22.75 29.10
C GLU C 237 -38.14 21.85 29.59
N ASP C 238 -39.34 22.14 29.11
CA ASP C 238 -40.51 21.26 29.27
C ASP C 238 -40.74 20.45 27.98
N SER C 239 -40.34 19.17 28.01
CA SER C 239 -40.42 18.28 26.87
C SER C 239 -40.36 16.82 27.34
N GLU C 240 -40.68 15.89 26.45
CA GLU C 240 -40.67 14.46 26.79
C GLU C 240 -39.30 13.95 27.22
N GLU C 241 -38.24 14.57 26.72
CA GLU C 241 -36.87 14.07 26.89
C GLU C 241 -36.20 14.67 28.11
N GLU C 242 -36.68 15.81 28.60
CA GLU C 242 -36.06 16.43 29.80
C GLU C 242 -37.00 16.25 31.00
N ILE C 243 -36.46 16.48 32.18
CA ILE C 243 -37.19 16.25 33.41
C ILE C 243 -38.23 17.27 33.68
N GLY C 244 -37.89 18.56 33.52
CA GLY C 244 -38.89 19.62 33.58
C GLY C 244 -38.40 20.94 34.18
N THR C 245 -39.17 21.99 33.94
CA THR C 245 -38.87 23.29 34.44
C THR C 245 -38.55 23.33 35.95
N ASN C 246 -39.28 22.56 36.78
CA ASN C 246 -39.08 22.54 38.24
C ASN C 246 -37.75 22.06 38.68
N PHE C 247 -37.25 21.05 37.97
CA PHE C 247 -35.93 20.52 38.18
C PHE C 247 -34.87 21.63 37.97
N GLY C 248 -34.97 22.33 36.82
CA GLY C 248 -34.04 23.42 36.48
C GLY C 248 -34.12 24.57 37.49
N GLU C 249 -35.33 24.91 37.89
CA GLU C 249 -35.52 25.94 38.87
C GLU C 249 -34.88 25.61 40.19
N ASP C 250 -35.08 24.40 40.70
CA ASP C 250 -34.45 24.01 41.96
C ASP C 250 -32.93 24.01 41.87
N ILE C 251 -32.40 23.56 40.76
CA ILE C 251 -30.99 23.59 40.48
C ILE C 251 -30.46 25.00 40.46
N LEU C 252 -31.19 25.89 39.81
CA LEU C 252 -30.84 27.30 39.81
C LEU C 252 -30.84 27.93 41.22
N ARG C 253 -31.78 27.56 42.07
CA ARG C 253 -31.78 28.02 43.46
C ARG C 253 -30.59 27.53 44.24
N MET C 254 -30.20 26.28 44.03
CA MET C 254 -29.02 25.76 44.67
C MET C 254 -27.75 26.40 44.11
N TYR C 255 -27.70 26.67 42.82
CA TYR C 255 -26.52 27.23 42.20
C TYR C 255 -26.30 28.66 42.76
N GLY C 256 -27.39 29.43 42.93
CA GLY C 256 -27.42 30.75 43.49
C GLY C 256 -26.96 31.86 42.57
N ASN C 257 -27.27 33.06 43.00
CA ASN C 257 -26.76 34.29 42.41
C ASN C 257 -27.09 34.32 40.94
N ILE C 258 -28.28 33.89 40.57
CA ILE C 258 -28.69 33.92 39.15
C ILE C 258 -30.18 34.21 39.08
N ASP C 259 -30.51 35.10 38.19
CA ASP C 259 -31.89 35.56 37.99
C ASP C 259 -32.61 34.48 37.16
N ILE C 260 -33.50 33.75 37.80
CA ILE C 260 -34.17 32.63 37.19
C ILE C 260 -35.08 33.09 36.05
N GLU C 261 -35.77 34.21 36.19
CA GLU C 261 -36.64 34.66 35.12
C GLU C 261 -35.83 35.00 33.84
N LYS C 262 -34.64 35.55 33.98
CA LYS C 262 -33.76 35.75 32.82
C LYS C 262 -33.21 34.50 32.22
N ALA C 263 -32.86 33.52 33.05
CA ALA C 263 -32.51 32.24 32.51
C ALA C 263 -33.62 31.70 31.67
N LYS C 264 -34.85 31.84 32.08
CA LYS C 264 -35.95 31.36 31.27
C LYS C 264 -36.22 32.21 30.04
N GLU C 265 -36.03 33.51 30.11
CA GLU C 265 -36.11 34.36 28.91
C GLU C 265 -35.04 33.92 27.89
N TYR C 266 -33.83 33.59 28.33
CA TYR C 266 -32.77 33.16 27.48
C TYR C 266 -33.16 31.87 26.83
N GLN C 267 -33.61 30.91 27.61
CA GLN C 267 -34.06 29.66 27.00
C GLN C 267 -35.18 29.92 25.97
N ASP C 268 -36.07 30.86 26.24
CA ASP C 268 -37.22 31.10 25.38
C ASP C 268 -36.77 31.72 24.01
N ILE C 269 -35.81 32.62 24.04
CA ILE C 269 -35.20 33.17 22.85
C ILE C 269 -34.45 32.13 21.99
N VAL C 270 -33.68 31.27 22.63
CA VAL C 270 -32.98 30.20 21.94
C VAL C 270 -33.97 29.28 21.32
N GLU C 271 -35.04 28.95 22.02
CA GLU C 271 -36.05 28.06 21.46
C GLU C 271 -36.76 28.78 20.30
N GLU C 272 -37.02 30.10 20.37
CA GLU C 272 -37.60 30.80 19.23
C GLU C 272 -36.68 30.75 18.04
N TYR C 273 -35.38 30.80 18.25
CA TYR C 273 -34.40 30.76 17.17
C TYR C 273 -34.27 29.43 16.46
N TYR C 274 -34.66 28.33 17.09
CA TYR C 274 -34.40 27.01 16.58
C TYR C 274 -34.74 26.79 15.10
N PRO C 275 -35.95 27.11 14.67
CA PRO C 275 -36.29 26.99 13.29
C PRO C 275 -35.39 27.79 12.31
N ILE C 276 -34.93 28.95 12.74
CA ILE C 276 -34.13 29.80 11.90
C ILE C 276 -32.73 29.18 11.85
N GLU C 277 -32.23 28.69 12.99
CA GLU C 277 -30.96 27.97 13.06
C GLU C 277 -30.92 26.78 12.10
N THR C 278 -32.04 26.08 12.02
CA THR C 278 -32.20 24.91 11.20
C THR C 278 -32.12 25.33 9.72
N ILE C 279 -32.83 26.39 9.34
CA ILE C 279 -32.80 26.92 7.99
C ILE C 279 -31.37 27.31 7.58
N VAL C 280 -30.71 28.04 8.44
CA VAL C 280 -29.34 28.49 8.20
C VAL C 280 -28.35 27.33 8.01
N TYR C 281 -28.48 26.29 8.82
CA TYR C 281 -27.68 25.05 8.66
C TYR C 281 -27.88 24.50 7.23
N GLY C 282 -29.12 24.47 6.77
CA GLY C 282 -29.42 24.06 5.43
C GLY C 282 -28.85 24.91 4.33
N ILE C 283 -28.78 26.21 4.53
CA ILE C 283 -28.15 27.10 3.59
C ILE C 283 -26.68 26.81 3.52
N LYS C 284 -26.03 26.87 4.68
CA LYS C 284 -24.57 26.74 4.79
C LYS C 284 -24.07 25.41 4.26
N ASN C 285 -24.83 24.34 4.43
CA ASN C 285 -24.39 23.00 4.03
C ASN C 285 -25.14 22.51 2.79
N ILE C 286 -25.85 23.40 2.13
CA ILE C 286 -26.58 23.07 0.92
C ILE C 286 -27.44 21.84 1.16
N LYS C 287 -28.24 21.85 2.24
CA LYS C 287 -29.16 20.75 2.49
C LYS C 287 -30.60 21.22 2.55
N GLN C 288 -31.32 20.99 1.46
CA GLN C 288 -32.67 21.48 1.27
C GLN C 288 -33.62 20.96 2.36
N GLU C 289 -33.41 19.71 2.76
CA GLU C 289 -34.18 19.00 3.79
C GLU C 289 -34.27 19.85 5.08
N PHE C 290 -33.19 20.51 5.43
CA PHE C 290 -33.14 21.39 6.60
C PHE C 290 -33.82 22.72 6.44
N ILE C 291 -33.69 23.31 5.26
CA ILE C 291 -34.41 24.56 4.97
C ILE C 291 -35.93 24.26 5.10
N GLU C 292 -36.37 23.14 4.53
CA GLU C 292 -37.76 22.76 4.60
C GLU C 292 -38.21 22.47 6.06
N ASN C 293 -37.42 21.71 6.84
CA ASN C 293 -37.78 21.43 8.24
C ASN C 293 -37.96 22.69 9.09
N GLY C 294 -37.07 23.67 8.91
CA GLY C 294 -37.19 24.88 9.70
C GLY C 294 -38.40 25.70 9.32
N ARG C 295 -38.65 25.78 8.02
CA ARG C 295 -39.79 26.53 7.54
C ARG C 295 -41.08 25.92 8.05
N LYS C 296 -41.17 24.62 8.00
CA LYS C 296 -42.35 23.93 8.52
C LYS C 296 -42.52 24.17 10.00
N GLU C 297 -41.40 24.20 10.70
CA GLU C 297 -41.42 24.39 12.14
C GLU C 297 -41.94 25.82 12.51
N ILE C 298 -41.63 26.79 11.68
CA ILE C 298 -42.23 28.10 11.78
C ILE C 298 -43.75 28.09 11.72
N TYR C 299 -44.31 27.35 10.75
CA TYR C 299 -45.76 27.21 10.69
C TYR C 299 -46.30 26.52 11.93
N LYS C 300 -45.62 25.49 12.45
CA LYS C 300 -46.12 24.80 13.61
C LYS C 300 -46.16 25.73 14.84
N ARG C 301 -45.10 26.46 15.04
CA ARG C 301 -45.03 27.42 16.11
C ARG C 301 -46.03 28.57 15.96
N THR C 302 -46.23 29.09 14.76
CA THR C 302 -47.19 30.15 14.51
C THR C 302 -48.63 29.74 14.84
N TYR C 303 -49.02 28.48 14.62
CA TYR C 303 -50.36 28.03 14.85
C TYR C 303 -50.68 27.41 16.25
N LYS C 304 -49.89 27.65 17.31
CA LYS C 304 -50.30 27.70 18.85
C LYS C 304 -49.59 26.57 19.58
N TYR D 5 -30.16 8.00 12.32
CA TYR D 5 -29.07 7.13 11.77
C TYR D 5 -29.39 6.43 10.43
N ASP D 6 -28.40 6.30 9.56
CA ASP D 6 -28.51 5.57 8.26
C ASP D 6 -27.18 4.76 8.02
N ASP D 7 -27.25 3.39 8.02
CA ASP D 7 -26.10 2.47 7.68
C ASP D 7 -25.54 2.74 6.24
N ASN D 8 -26.40 3.28 5.33
CA ASN D 8 -25.99 3.61 3.89
C ASN D 8 -25.08 4.85 3.73
N ALA D 9 -25.52 6.04 4.17
CA ALA D 9 -24.68 7.27 4.07
C ALA D 9 -23.34 7.08 4.78
N THR D 10 -23.34 6.42 5.95
CA THR D 10 -22.11 6.30 6.75
C THR D 10 -21.08 5.27 6.20
N ASN D 11 -21.57 4.14 5.67
CA ASN D 11 -20.68 3.09 5.11
C ASN D 11 -19.94 3.61 3.89
N VAL D 12 -20.73 4.27 3.07
CA VAL D 12 -20.25 4.91 1.88
C VAL D 12 -19.17 5.96 2.16
N LYS D 13 -19.27 6.74 3.25
CA LYS D 13 -18.21 7.73 3.60
C LYS D 13 -16.89 7.07 3.96
N ALA D 14 -16.96 6.05 4.81
CA ALA D 14 -15.78 5.29 5.16
C ALA D 14 -15.08 4.72 3.93
N MET D 15 -15.85 4.10 3.05
CA MET D 15 -15.26 3.49 1.89
C MET D 15 -14.75 4.52 0.89
N LYS D 16 -15.48 5.62 0.74
CA LYS D 16 -14.93 6.76 -0.01
C LYS D 16 -13.60 7.22 0.55
N TYR D 17 -13.47 7.34 1.86
CA TYR D 17 -12.21 7.70 2.46
C TYR D 17 -11.10 6.73 2.12
N LEU D 18 -11.38 5.43 2.26
CA LEU D 18 -10.35 4.40 1.99
C LEU D 18 -9.91 4.34 0.52
N ILE D 19 -10.85 4.46 -0.40
CA ILE D 19 -10.54 4.49 -1.82
C ILE D 19 -9.63 5.67 -2.11
N GLU D 20 -10.00 6.86 -1.63
CA GLU D 20 -9.15 8.01 -1.90
C GLU D 20 -7.81 7.97 -1.19
N HIS D 21 -7.74 7.26 -0.06
CA HIS D 21 -6.49 7.15 0.68
C HIS D 21 -5.54 6.18 -0.01
N TYR D 22 -6.05 5.04 -0.48
CA TYR D 22 -5.17 3.98 -1.06
C TYR D 22 -4.83 4.13 -2.55
N PHE D 23 -5.68 4.81 -3.31
CA PHE D 23 -5.51 5.06 -4.72
C PHE D 23 -5.36 6.56 -4.91
N ASP D 24 -4.06 6.91 -4.94
CA ASP D 24 -3.48 8.14 -5.36
C ASP D 24 -4.10 8.60 -6.64
N ASN D 25 -4.83 9.69 -6.38
CA ASN D 25 -5.38 10.64 -7.34
C ASN D 25 -6.67 10.11 -7.91
N PHE D 26 -7.32 9.15 -7.25
CA PHE D 26 -8.66 8.75 -7.63
C PHE D 26 -9.65 9.62 -6.86
N LYS D 27 -10.60 10.24 -7.57
CA LYS D 27 -11.63 11.07 -6.90
C LYS D 27 -12.97 10.42 -6.94
N VAL D 28 -13.60 10.33 -5.77
CA VAL D 28 -14.91 9.73 -5.68
C VAL D 28 -15.96 10.83 -5.76
N ASP D 29 -16.66 10.94 -6.91
CA ASP D 29 -17.76 11.90 -7.08
C ASP D 29 -19.07 11.30 -6.65
N SER D 30 -19.23 10.01 -6.79
CA SER D 30 -20.42 9.35 -6.27
C SER D 30 -20.04 7.90 -5.94
N ILE D 31 -20.82 7.34 -5.02
CA ILE D 31 -20.56 6.01 -4.52
C ILE D 31 -21.85 5.47 -3.91
N GLU D 32 -22.30 4.32 -4.39
CA GLU D 32 -23.42 3.64 -3.77
C GLU D 32 -23.12 2.16 -3.62
N ILE D 33 -23.79 1.53 -2.69
CA ILE D 33 -23.67 0.08 -2.47
C ILE D 33 -24.51 -0.64 -3.56
N ILE D 34 -23.88 -1.55 -4.32
CA ILE D 34 -24.51 -2.25 -5.44
C ILE D 34 -24.77 -3.70 -5.04
N GLY D 35 -24.06 -4.17 -4.03
CA GLY D 35 -24.43 -5.40 -3.34
C GLY D 35 -23.54 -5.65 -2.17
N SER D 36 -23.93 -6.61 -1.35
CA SER D 36 -23.15 -6.90 -0.15
C SER D 36 -23.50 -8.25 0.44
N GLY D 37 -22.48 -8.96 0.88
CA GLY D 37 -22.70 -10.24 1.57
C GLY D 37 -22.40 -10.06 3.04
N TYR D 38 -22.13 -11.17 3.68
CA TYR D 38 -21.79 -11.14 5.10
C TYR D 38 -20.33 -10.81 5.27
N ASP D 39 -19.49 -11.04 4.24
CA ASP D 39 -18.04 -10.83 4.32
C ASP D 39 -17.53 -9.77 3.34
N SER D 40 -18.33 -9.23 2.46
CA SER D 40 -17.84 -8.22 1.55
C SER D 40 -18.89 -7.18 1.25
N VAL D 41 -18.45 -6.06 0.72
CA VAL D 41 -19.37 -5.09 0.14
C VAL D 41 -18.86 -4.65 -1.19
N ALA D 42 -19.77 -4.55 -2.14
CA ALA D 42 -19.43 -4.00 -3.43
C ALA D 42 -20.13 -2.64 -3.68
N TYR D 43 -19.37 -1.76 -4.31
CA TYR D 43 -19.75 -0.37 -4.54
C TYR D 43 -19.67 -0.04 -6.03
N LEU D 44 -20.64 0.74 -6.51
CA LEU D 44 -20.54 1.41 -7.81
C LEU D 44 -20.08 2.85 -7.59
N VAL D 45 -18.89 3.13 -8.11
CA VAL D 45 -18.22 4.41 -7.95
C VAL D 45 -18.18 5.19 -9.30
N ASN D 46 -18.61 6.48 -9.26
CA ASN D 46 -18.58 7.38 -10.42
C ASN D 46 -19.40 6.87 -11.59
N ASN D 47 -20.48 6.15 -11.27
CA ASN D 47 -21.27 5.40 -12.23
C ASN D 47 -20.51 4.58 -13.28
N GLU D 48 -19.32 4.13 -12.91
CA GLU D 48 -18.43 3.52 -13.91
C GLU D 48 -17.58 2.33 -13.38
N TYR D 49 -17.22 2.37 -12.11
CA TYR D 49 -16.29 1.41 -11.53
C TYR D 49 -16.98 0.60 -10.46
N ILE D 50 -16.74 -0.72 -10.48
CA ILE D 50 -17.09 -1.58 -9.35
C ILE D 50 -15.89 -1.64 -8.45
N PHE D 51 -16.09 -1.44 -7.17
CA PHE D 51 -15.07 -1.67 -6.18
C PHE D 51 -15.60 -2.75 -5.25
N LYS D 52 -14.97 -3.92 -5.23
CA LYS D 52 -15.29 -4.97 -4.26
C LYS D 52 -14.38 -4.79 -3.08
N THR D 53 -14.91 -4.91 -1.88
CA THR D 53 -14.08 -4.71 -0.68
C THR D 53 -14.36 -5.75 0.35
N LYS D 54 -13.33 -6.03 1.12
CA LYS D 54 -13.38 -7.09 2.09
C LYS D 54 -12.46 -6.71 3.25
N PHE D 55 -12.91 -6.88 4.51
CA PHE D 55 -12.04 -6.74 5.71
C PHE D 55 -11.55 -8.08 6.33
N SER D 56 -11.31 -9.14 5.59
CA SER D 56 -10.70 -10.38 6.24
C SER D 56 -11.66 -11.13 7.18
N GLY D 62 -6.80 -14.59 -1.09
CA GLY D 62 -8.17 -14.07 -0.80
C GLY D 62 -8.54 -13.24 -2.00
N TYR D 63 -8.41 -11.87 -1.88
CA TYR D 63 -8.46 -11.09 -3.15
C TYR D 63 -7.21 -11.20 -4.04
N ALA D 64 -6.10 -11.67 -3.47
CA ALA D 64 -4.93 -11.95 -4.29
C ALA D 64 -5.18 -13.04 -5.33
N LYS D 65 -5.81 -14.14 -4.96
CA LYS D 65 -6.11 -15.23 -5.92
C LYS D 65 -7.08 -14.77 -6.98
N GLU D 66 -8.11 -14.07 -6.56
CA GLU D 66 -9.11 -13.57 -7.48
C GLU D 66 -8.48 -12.62 -8.52
N LYS D 67 -7.63 -11.72 -8.04
CA LYS D 67 -6.89 -10.85 -8.92
C LYS D 67 -5.98 -11.63 -9.89
N ALA D 68 -5.26 -12.62 -9.39
CA ALA D 68 -4.41 -13.45 -10.25
C ALA D 68 -5.25 -14.19 -11.30
N ILE D 69 -6.48 -14.55 -10.95
CA ILE D 69 -7.33 -15.24 -11.89
C ILE D 69 -7.86 -14.32 -12.98
N TYR D 70 -8.31 -13.11 -12.61
CA TYR D 70 -8.73 -12.13 -13.62
C TYR D 70 -7.58 -11.83 -14.58
N ASN D 71 -6.39 -11.65 -14.03
CA ASN D 71 -5.29 -11.26 -14.84
C ASN D 71 -4.87 -12.45 -15.77
N PHE D 72 -4.86 -13.69 -15.24
CA PHE D 72 -4.65 -14.87 -16.06
C PHE D 72 -5.68 -15.02 -17.16
N LEU D 73 -6.94 -14.76 -16.88
CA LEU D 73 -7.99 -15.01 -17.87
C LEU D 73 -8.02 -13.92 -18.95
N ASN D 74 -7.72 -12.67 -18.57
CA ASN D 74 -7.74 -11.56 -19.51
C ASN D 74 -6.54 -11.70 -20.47
N THR D 75 -5.47 -12.35 -20.04
CA THR D 75 -4.38 -12.71 -20.92
C THR D 75 -4.72 -13.86 -21.88
N ASN D 76 -5.36 -14.92 -21.38
CA ASN D 76 -5.37 -16.20 -22.10
C ASN D 76 -6.70 -16.57 -22.78
N LEU D 77 -7.84 -16.01 -22.37
CA LEU D 77 -9.10 -16.35 -23.04
C LEU D 77 -9.24 -15.67 -24.40
N GLU D 78 -9.69 -16.39 -25.42
CA GLU D 78 -10.20 -15.74 -26.65
C GLU D 78 -11.73 -15.84 -26.63
N THR D 79 -12.41 -14.71 -26.41
CA THR D 79 -13.85 -14.75 -26.23
C THR D 79 -14.37 -13.35 -26.37
N ASN D 80 -15.61 -13.17 -26.77
CA ASN D 80 -16.23 -11.84 -26.73
C ASN D 80 -16.96 -11.62 -25.39
N VAL D 81 -17.03 -12.65 -24.55
CA VAL D 81 -17.65 -12.49 -23.25
C VAL D 81 -16.71 -11.68 -22.32
N LYS D 82 -17.20 -10.61 -21.73
CA LYS D 82 -16.38 -9.81 -20.85
C LYS D 82 -16.33 -10.35 -19.42
N ILE D 83 -15.18 -10.16 -18.82
CA ILE D 83 -14.98 -10.41 -17.39
C ILE D 83 -14.27 -9.22 -16.73
N PRO D 84 -14.27 -9.16 -15.40
CA PRO D 84 -13.64 -8.02 -14.77
C PRO D 84 -12.19 -7.91 -15.18
N ASN D 85 -11.78 -6.67 -15.40
CA ASN D 85 -10.42 -6.38 -15.74
C ASN D 85 -9.87 -5.33 -14.75
N ILE D 86 -8.97 -5.79 -13.90
CA ILE D 86 -8.65 -5.06 -12.68
C ILE D 86 -7.78 -3.87 -12.94
N GLU D 87 -8.28 -2.69 -12.65
CA GLU D 87 -7.45 -1.47 -12.70
C GLU D 87 -6.92 -0.99 -11.36
N TYR D 88 -7.57 -1.31 -10.26
CA TYR D 88 -7.15 -0.84 -8.91
C TYR D 88 -7.13 -2.03 -7.98
N SER D 89 -6.09 -2.17 -7.19
CA SER D 89 -6.11 -3.19 -6.21
C SER D 89 -5.25 -2.75 -5.06
N TYR D 90 -5.72 -3.07 -3.85
CA TYR D 90 -4.96 -2.99 -2.62
C TYR D 90 -5.20 -4.27 -1.88
N ILE D 91 -4.16 -4.98 -1.51
CA ILE D 91 -4.33 -6.27 -0.87
C ILE D 91 -3.49 -6.35 0.37
N SER D 92 -4.10 -6.67 1.52
CA SER D 92 -3.40 -6.75 2.82
C SER D 92 -4.19 -7.72 3.71
N ASP D 93 -3.60 -8.17 4.82
CA ASP D 93 -4.30 -9.18 5.65
C ASP D 93 -5.67 -8.61 6.14
N GLU D 94 -5.73 -7.31 6.46
CA GLU D 94 -6.91 -6.73 7.07
C GLU D 94 -7.92 -6.13 6.08
N LEU D 95 -7.48 -5.86 4.86
CA LEU D 95 -8.30 -5.07 3.92
C LEU D 95 -7.89 -5.37 2.51
N SER D 96 -8.87 -5.63 1.65
CA SER D 96 -8.61 -5.85 0.24
C SER D 96 -9.65 -5.15 -0.58
N ILE D 97 -9.19 -4.53 -1.65
CA ILE D 97 -10.04 -3.81 -2.55
C ILE D 97 -9.65 -4.15 -3.97
N LEU D 98 -10.63 -4.50 -4.80
CA LEU D 98 -10.41 -4.66 -6.26
C LEU D 98 -11.35 -3.70 -6.92
N GLY D 99 -10.84 -2.90 -7.84
CA GLY D 99 -11.65 -1.99 -8.65
C GLY D 99 -11.52 -2.30 -10.16
N TYR D 100 -12.62 -2.26 -10.89
CA TYR D 100 -12.64 -2.53 -12.31
C TYR D 100 -13.83 -1.85 -12.93
N LYS D 101 -13.81 -1.62 -14.24
CA LYS D 101 -14.98 -1.01 -14.88
C LYS D 101 -16.20 -1.96 -14.91
N GLU D 102 -17.36 -1.39 -14.57
CA GLU D 102 -18.60 -2.10 -14.53
C GLU D 102 -18.87 -2.73 -15.91
N ILE D 103 -19.11 -4.03 -15.94
CA ILE D 103 -19.60 -4.67 -17.15
C ILE D 103 -21.09 -4.34 -17.26
N LYS D 104 -21.52 -3.79 -18.39
CA LYS D 104 -22.90 -3.40 -18.58
C LYS D 104 -23.76 -4.56 -19.06
N GLY D 105 -25.00 -4.64 -18.64
CA GLY D 105 -25.91 -5.65 -19.09
C GLY D 105 -26.98 -5.89 -18.03
N THR D 106 -27.83 -6.89 -18.26
CA THR D 106 -28.87 -7.33 -17.33
C THR D 106 -28.55 -8.74 -16.82
N PHE D 107 -28.70 -8.98 -15.52
CA PHE D 107 -28.41 -10.32 -14.99
C PHE D 107 -29.50 -11.32 -15.36
N LEU D 108 -29.11 -12.49 -15.81
CA LEU D 108 -30.03 -13.61 -16.07
C LEU D 108 -30.81 -14.02 -14.84
N THR D 109 -32.10 -14.26 -15.02
CA THR D 109 -32.98 -14.74 -13.93
C THR D 109 -33.92 -15.75 -14.53
N PRO D 110 -34.55 -16.58 -13.70
CA PRO D 110 -35.64 -17.45 -14.20
C PRO D 110 -36.71 -16.72 -14.99
N GLU D 111 -37.18 -15.58 -14.49
CA GLU D 111 -38.22 -14.80 -15.17
C GLU D 111 -37.79 -14.39 -16.54
N ILE D 112 -36.59 -13.83 -16.66
CA ILE D 112 -36.12 -13.38 -17.97
C ILE D 112 -36.00 -14.57 -18.94
N TYR D 113 -35.47 -15.69 -18.46
CA TYR D 113 -35.24 -16.81 -19.31
C TYR D 113 -36.56 -17.35 -19.89
N SER D 114 -37.60 -17.40 -19.06
CA SER D 114 -38.86 -17.95 -19.51
C SER D 114 -39.55 -17.06 -20.55
N THR D 115 -39.25 -15.76 -20.60
CA THR D 115 -39.70 -14.86 -21.69
C THR D 115 -38.84 -14.93 -22.98
N MET D 116 -37.69 -15.60 -22.97
CA MET D 116 -36.84 -15.69 -24.16
C MET D 116 -37.50 -16.69 -25.13
N SER D 117 -37.40 -16.42 -26.43
CA SER D 117 -37.83 -17.35 -27.47
C SER D 117 -36.94 -18.56 -27.42
N GLU D 118 -37.41 -19.65 -27.98
CA GLU D 118 -36.65 -20.90 -28.03
C GLU D 118 -35.27 -20.72 -28.66
N GLU D 119 -35.18 -19.93 -29.71
CA GLU D 119 -33.92 -19.64 -30.39
C GLU D 119 -32.99 -18.81 -29.52
N GLU D 120 -33.50 -17.80 -28.83
CA GLU D 120 -32.68 -17.10 -27.82
C GLU D 120 -32.15 -18.02 -26.73
N GLN D 121 -32.96 -18.96 -26.27
CA GLN D 121 -32.53 -19.84 -25.21
C GLN D 121 -31.46 -20.75 -25.71
N ASN D 122 -31.60 -21.30 -26.93
CA ASN D 122 -30.57 -22.17 -27.49
C ASN D 122 -29.26 -21.44 -27.62
N LEU D 123 -29.30 -20.19 -28.06
CA LEU D 123 -28.06 -19.46 -28.30
C LEU D 123 -27.36 -19.19 -26.96
N LEU D 124 -28.15 -18.84 -25.95
CA LEU D 124 -27.61 -18.59 -24.61
C LEU D 124 -26.93 -19.85 -24.06
N LYS D 125 -27.57 -21.00 -24.22
CA LYS D 125 -26.96 -22.26 -23.75
C LYS D 125 -25.68 -22.55 -24.48
N ARG D 126 -25.65 -22.33 -25.80
CA ARG D 126 -24.46 -22.55 -26.56
C ARG D 126 -23.35 -21.64 -26.11
N ASP D 127 -23.68 -20.37 -25.89
CA ASP D 127 -22.70 -19.42 -25.42
C ASP D 127 -22.10 -19.88 -24.08
N ILE D 128 -22.93 -20.39 -23.18
CA ILE D 128 -22.45 -20.78 -21.88
C ILE D 128 -21.53 -21.97 -22.01
N ALA D 129 -21.98 -22.96 -22.74
CA ALA D 129 -21.22 -24.17 -22.90
C ALA D 129 -19.88 -23.87 -23.55
N SER D 130 -19.88 -22.94 -24.47
CA SER D 130 -18.68 -22.60 -25.22
C SER D 130 -17.68 -21.87 -24.32
N PHE D 131 -18.21 -20.98 -23.47
CA PHE D 131 -17.35 -20.32 -22.50
C PHE D 131 -16.72 -21.31 -21.55
N LEU D 132 -17.54 -22.18 -20.97
CA LEU D 132 -17.03 -23.15 -20.01
C LEU D 132 -16.05 -24.06 -20.70
N ARG D 133 -16.32 -24.49 -21.92
CA ARG D 133 -15.40 -25.41 -22.60
C ARG D 133 -14.03 -24.71 -22.78
N GLN D 134 -14.05 -23.44 -23.14
CA GLN D 134 -12.84 -22.73 -23.36
C GLN D 134 -12.03 -22.53 -22.05
N MET D 135 -12.70 -22.11 -20.99
CA MET D 135 -12.05 -21.91 -19.72
C MET D 135 -11.50 -23.20 -19.11
N HIS D 136 -12.29 -24.25 -19.15
CA HIS D 136 -11.87 -25.56 -18.64
C HIS D 136 -10.75 -26.17 -19.44
N GLY D 137 -10.57 -25.74 -20.69
CA GLY D 137 -9.49 -26.17 -21.53
C GLY D 137 -8.14 -25.45 -21.31
N LEU D 138 -8.09 -24.35 -20.56
CA LEU D 138 -6.84 -23.61 -20.49
C LEU D 138 -5.78 -24.36 -19.69
N ASP D 139 -4.56 -24.30 -20.17
CA ASP D 139 -3.37 -24.72 -19.44
C ASP D 139 -3.23 -23.79 -18.24
N TYR D 140 -3.32 -24.36 -17.06
CA TYR D 140 -3.37 -23.60 -15.81
C TYR D 140 -2.03 -23.55 -15.04
N THR D 141 -0.91 -23.84 -15.70
CA THR D 141 0.42 -23.85 -15.05
C THR D 141 0.76 -22.53 -14.37
N ASP D 142 0.43 -21.41 -15.02
CA ASP D 142 0.76 -20.08 -14.51
C ASP D 142 0.02 -19.71 -13.22
N ILE D 143 -1.14 -20.32 -12.98
CA ILE D 143 -1.90 -20.11 -11.74
C ILE D 143 -1.96 -21.40 -10.95
N SER D 144 -0.94 -22.24 -11.02
CA SER D 144 -1.08 -23.61 -10.47
C SER D 144 -1.14 -23.70 -8.94
N GLU D 145 -0.82 -22.61 -8.25
CA GLU D 145 -1.02 -22.51 -6.79
C GLU D 145 -2.49 -22.39 -6.39
N CYS D 146 -3.38 -22.01 -7.30
CA CYS D 146 -4.79 -21.74 -6.97
C CYS D 146 -5.65 -22.99 -6.99
N THR D 147 -5.15 -24.08 -6.41
CA THR D 147 -5.90 -25.34 -6.31
C THR D 147 -6.84 -25.31 -5.12
N ILE D 148 -7.96 -26.01 -5.28
CA ILE D 148 -8.94 -26.11 -4.26
C ILE D 148 -9.30 -27.59 -4.15
N ASP D 149 -9.15 -28.12 -2.92
CA ASP D 149 -9.50 -29.47 -2.61
C ASP D 149 -10.79 -29.46 -1.77
N ASN D 150 -11.92 -29.73 -2.38
CA ASN D 150 -13.23 -29.65 -1.68
C ASN D 150 -13.35 -30.70 -0.57
N LYS D 151 -12.85 -31.90 -0.82
CA LYS D 151 -12.87 -32.96 0.20
C LYS D 151 -12.01 -32.61 1.42
N GLN D 152 -10.81 -32.12 1.21
CA GLN D 152 -9.97 -31.67 2.30
C GLN D 152 -10.61 -30.48 3.06
N ASN D 153 -11.22 -29.55 2.34
CA ASN D 153 -11.90 -28.42 3.03
C ASN D 153 -13.02 -28.93 3.95
N VAL D 154 -13.76 -29.91 3.48
CA VAL D 154 -14.81 -30.51 4.27
C VAL D 154 -14.26 -31.21 5.52
N LEU D 155 -13.20 -31.96 5.36
CA LEU D 155 -12.61 -32.59 6.52
C LEU D 155 -12.16 -31.56 7.53
N GLU D 156 -11.58 -30.44 7.11
CA GLU D 156 -11.14 -29.40 8.07
C GLU D 156 -12.35 -28.77 8.77
N GLU D 157 -13.46 -28.63 8.07
CA GLU D 157 -14.66 -28.09 8.65
C GLU D 157 -15.30 -29.05 9.66
N TYR D 158 -15.23 -30.34 9.37
CA TYR D 158 -15.70 -31.39 10.26
C TYR D 158 -14.87 -31.44 11.51
N ILE D 159 -13.58 -31.31 11.40
CA ILE D 159 -12.74 -31.26 12.59
C ILE D 159 -13.12 -30.08 13.49
N LEU D 160 -13.33 -28.92 12.88
CA LEU D 160 -13.85 -27.77 13.60
C LEU D 160 -15.19 -28.07 14.34
N LEU D 161 -16.13 -28.77 13.69
CA LEU D 161 -17.36 -29.19 14.35
C LEU D 161 -17.11 -30.06 15.56
N ARG D 162 -16.24 -31.04 15.41
CA ARG D 162 -15.87 -31.92 16.50
C ARG D 162 -15.22 -31.20 17.65
N GLU D 163 -14.47 -30.14 17.36
CA GLU D 163 -13.84 -29.31 18.38
C GLU D 163 -14.79 -28.34 19.09
N THR D 164 -15.98 -28.12 18.56
CA THR D 164 -16.85 -27.08 19.08
C THR D 164 -18.17 -27.69 19.47
N ILE D 165 -19.17 -27.64 18.57
CA ILE D 165 -20.52 -27.98 18.96
C ILE D 165 -21.05 -29.38 18.67
N TYR D 166 -20.28 -30.24 18.04
CA TYR D 166 -20.74 -31.58 17.71
C TYR D 166 -21.39 -32.32 18.86
N ASN D 167 -20.75 -32.27 20.05
CA ASN D 167 -21.26 -33.02 21.20
C ASN D 167 -22.61 -32.56 21.73
N ASP D 168 -23.00 -31.33 21.43
CA ASP D 168 -24.29 -30.77 21.83
C ASP D 168 -25.37 -30.96 20.79
N LEU D 169 -25.07 -31.58 19.65
CA LEU D 169 -26.06 -31.72 18.61
C LEU D 169 -26.94 -32.93 18.97
N THR D 170 -28.14 -32.99 18.42
CA THR D 170 -28.98 -34.15 18.61
C THR D 170 -28.49 -35.37 17.82
N ASP D 171 -29.07 -36.53 18.10
CA ASP D 171 -28.74 -37.73 17.37
C ASP D 171 -29.13 -37.63 15.90
N ILE D 172 -30.27 -37.05 15.61
CA ILE D 172 -30.71 -36.90 14.22
C ILE D 172 -29.70 -36.05 13.43
N GLU D 173 -29.18 -35.00 14.05
CA GLU D 173 -28.16 -34.13 13.48
C GLU D 173 -26.82 -34.82 13.28
N LYS D 174 -26.37 -35.50 14.33
CA LYS D 174 -25.17 -36.29 14.24
C LYS D 174 -25.28 -37.33 13.16
N ASP D 175 -26.41 -38.05 13.05
CA ASP D 175 -26.53 -39.02 11.99
C ASP D 175 -26.45 -38.41 10.61
N TYR D 176 -27.00 -37.24 10.41
CA TYR D 176 -26.98 -36.60 9.12
C TYR D 176 -25.54 -36.28 8.76
N ILE D 177 -24.78 -35.75 9.71
CA ILE D 177 -23.42 -35.36 9.42
C ILE D 177 -22.55 -36.58 9.14
N GLU D 178 -22.64 -37.61 9.97
CA GLU D 178 -21.85 -38.83 9.80
C GLU D 178 -22.19 -39.51 8.50
N SER D 179 -23.47 -39.52 8.18
CA SER D 179 -23.89 -40.15 6.97
C SER D 179 -23.32 -39.40 5.74
N PHE D 180 -23.27 -38.08 5.81
CA PHE D 180 -22.61 -37.29 4.81
C PHE D 180 -21.12 -37.62 4.70
N MET D 181 -20.41 -37.70 5.81
CA MET D 181 -18.95 -38.01 5.76
C MET D 181 -18.71 -39.43 5.20
N GLU D 182 -19.58 -40.38 5.48
CA GLU D 182 -19.43 -41.72 4.89
C GLU D 182 -19.61 -41.63 3.36
N ARG D 183 -20.57 -40.85 2.93
CA ARG D 183 -20.77 -40.65 1.52
C ARG D 183 -19.59 -39.96 0.85
N LEU D 184 -19.07 -38.91 1.46
CA LEU D 184 -17.90 -38.24 0.93
C LEU D 184 -16.67 -39.13 0.79
N ASN D 185 -16.51 -40.05 1.74
CA ASN D 185 -15.42 -40.99 1.72
C ASN D 185 -15.57 -42.08 0.66
N ALA D 186 -16.80 -42.43 0.29
CA ALA D 186 -17.04 -43.52 -0.71
C ALA D 186 -17.15 -42.98 -2.12
N THR D 187 -17.45 -41.70 -2.33
CA THR D 187 -17.69 -41.22 -3.69
C THR D 187 -16.41 -41.22 -4.53
N THR D 188 -16.61 -41.31 -5.82
CA THR D 188 -15.56 -41.24 -6.81
C THR D 188 -15.68 -39.98 -7.65
N VAL D 189 -16.56 -39.04 -7.30
CA VAL D 189 -16.70 -37.85 -8.13
C VAL D 189 -15.54 -36.87 -8.05
N PHE D 190 -14.56 -37.10 -7.16
CA PHE D 190 -13.36 -36.25 -7.13
C PHE D 190 -12.23 -36.82 -7.98
N GLU D 191 -12.44 -37.90 -8.70
CA GLU D 191 -11.35 -38.59 -9.36
C GLU D 191 -11.24 -38.29 -10.85
N GLY D 192 -12.01 -37.32 -11.34
CA GLY D 192 -12.01 -36.96 -12.72
C GLY D 192 -11.08 -35.75 -13.01
N LYS D 193 -11.40 -35.10 -14.14
CA LYS D 193 -10.61 -34.02 -14.64
C LYS D 193 -10.65 -32.79 -13.71
N LYS D 194 -9.48 -32.22 -13.48
CA LYS D 194 -9.33 -30.94 -12.78
C LYS D 194 -9.05 -29.84 -13.77
N CYS D 195 -9.60 -28.68 -13.56
CA CYS D 195 -9.29 -27.57 -14.40
C CYS D 195 -9.66 -26.29 -13.70
N LEU D 196 -9.40 -25.17 -14.33
CA LEU D 196 -9.81 -23.89 -13.82
C LEU D 196 -11.33 -23.72 -14.00
N CYS D 197 -12.02 -23.50 -12.88
CA CYS D 197 -13.47 -23.34 -12.86
C CYS D 197 -13.82 -22.05 -12.21
N HIS D 198 -14.95 -21.50 -12.62
CA HIS D 198 -15.49 -20.32 -12.04
C HIS D 198 -15.82 -20.58 -10.57
N ASN D 199 -16.47 -21.69 -10.36
CA ASN D 199 -16.77 -22.24 -9.04
C ASN D 199 -17.83 -21.49 -8.24
N ASP D 200 -18.57 -20.62 -8.90
CA ASP D 200 -19.79 -20.05 -8.32
C ASP D 200 -20.73 -19.61 -9.45
N PHE D 201 -20.90 -20.50 -10.42
CA PHE D 201 -21.39 -20.17 -11.76
C PHE D 201 -22.92 -20.31 -11.78
N SER D 202 -23.56 -19.35 -11.11
CA SER D 202 -24.94 -19.26 -10.96
C SER D 202 -25.43 -18.14 -11.86
N CYS D 203 -26.75 -18.12 -12.09
CA CYS D 203 -27.20 -17.20 -13.11
C CYS D 203 -27.18 -15.73 -12.68
N ASN D 204 -27.08 -15.41 -11.39
CA ASN D 204 -26.85 -14.03 -10.94
C ASN D 204 -25.39 -13.52 -11.21
N HIS D 205 -24.55 -14.31 -11.85
CA HIS D 205 -23.25 -13.85 -12.24
C HIS D 205 -23.11 -13.78 -13.74
N LEU D 206 -24.20 -14.00 -14.48
CA LEU D 206 -24.21 -13.95 -15.95
C LEU D 206 -24.99 -12.76 -16.45
N LEU D 207 -24.35 -12.00 -17.31
CA LEU D 207 -24.96 -10.79 -17.83
C LEU D 207 -25.37 -10.99 -19.30
N LEU D 208 -26.52 -10.46 -19.63
CA LEU D 208 -27.03 -10.44 -21.01
C LEU D 208 -27.03 -9.04 -21.59
N ASP D 209 -26.82 -8.96 -22.92
CA ASP D 209 -26.96 -7.71 -23.66
C ASP D 209 -28.42 -7.52 -24.09
N GLY D 210 -28.70 -6.51 -24.95
CA GLY D 210 -30.05 -6.16 -25.37
C GLY D 210 -30.76 -7.21 -26.24
N ASN D 211 -29.97 -8.09 -26.89
CA ASN D 211 -30.52 -9.28 -27.58
C ASN D 211 -30.58 -10.62 -26.82
N ASN D 212 -30.44 -10.56 -25.51
CA ASN D 212 -30.45 -11.72 -24.61
C ASN D 212 -29.32 -12.70 -24.89
N ARG D 213 -28.20 -12.20 -25.36
CA ARG D 213 -27.00 -13.01 -25.54
C ARG D 213 -26.06 -12.75 -24.36
N LEU D 214 -25.18 -13.71 -24.10
CA LEU D 214 -24.25 -13.60 -22.99
C LEU D 214 -23.22 -12.58 -23.32
N THR D 215 -23.16 -11.56 -22.50
CA THR D 215 -22.23 -10.50 -22.72
C THR D 215 -21.15 -10.44 -21.67
N GLY D 216 -21.41 -10.98 -20.47
CA GLY D 216 -20.39 -10.95 -19.42
C GLY D 216 -20.62 -11.92 -18.29
N ILE D 217 -19.53 -12.20 -17.59
CA ILE D 217 -19.51 -13.06 -16.41
C ILE D 217 -18.67 -12.44 -15.30
N ILE D 218 -19.20 -12.42 -14.08
CA ILE D 218 -18.53 -11.75 -12.97
C ILE D 218 -18.28 -12.69 -11.85
N ASP D 219 -17.53 -12.19 -10.89
CA ASP D 219 -17.30 -12.86 -9.60
C ASP D 219 -16.62 -14.20 -9.75
N PHE D 220 -15.33 -14.14 -10.07
CA PHE D 220 -14.45 -15.29 -10.04
C PHE D 220 -13.75 -15.35 -8.67
N GLY D 221 -14.40 -14.86 -7.62
CA GLY D 221 -13.88 -14.88 -6.28
C GLY D 221 -13.72 -16.17 -5.57
N ASP D 222 -14.33 -17.23 -6.06
CA ASP D 222 -14.15 -18.58 -5.51
C ASP D 222 -13.47 -19.48 -6.54
N SER D 223 -13.01 -18.92 -7.65
CA SER D 223 -12.40 -19.69 -8.73
C SER D 223 -11.11 -20.32 -8.29
N GLY D 224 -10.82 -21.44 -8.95
CA GLY D 224 -9.61 -22.12 -8.77
C GLY D 224 -9.57 -23.37 -9.59
N ILE D 225 -8.52 -24.15 -9.38
CA ILE D 225 -8.35 -25.38 -10.06
C ILE D 225 -9.01 -26.41 -9.18
N ILE D 226 -9.98 -27.12 -9.76
CA ILE D 226 -10.91 -27.91 -8.98
C ILE D 226 -11.61 -28.85 -9.97
N ASP D 227 -12.47 -29.73 -9.51
CA ASP D 227 -13.19 -30.64 -10.43
C ASP D 227 -14.03 -29.92 -11.48
N GLU D 228 -13.91 -30.37 -12.72
CA GLU D 228 -14.70 -29.93 -13.86
C GLU D 228 -16.20 -29.87 -13.52
N TYR D 229 -16.67 -30.84 -12.74
CA TYR D 229 -18.10 -30.89 -12.42
C TYR D 229 -18.61 -29.66 -11.62
N CYS D 230 -17.69 -28.94 -10.94
CA CYS D 230 -18.02 -27.75 -10.11
C CYS D 230 -18.78 -26.70 -10.84
N ASP D 231 -18.49 -26.46 -12.12
CA ASP D 231 -19.19 -25.43 -12.81
C ASP D 231 -20.59 -25.77 -13.24
N PHE D 232 -21.09 -26.96 -12.90
CA PHE D 232 -22.46 -27.32 -13.27
C PHE D 232 -23.34 -27.42 -12.06
N ILE D 233 -22.82 -27.13 -10.89
CA ILE D 233 -23.56 -27.27 -9.66
C ILE D 233 -24.82 -26.41 -9.61
N TYR D 234 -24.74 -25.18 -10.11
CA TYR D 234 -25.89 -24.26 -10.04
C TYR D 234 -26.75 -24.36 -11.25
N LEU D 235 -26.15 -24.65 -12.38
CA LEU D 235 -26.90 -24.94 -13.59
C LEU D 235 -27.81 -26.12 -13.39
N LEU D 236 -27.42 -27.09 -12.57
CA LEU D 236 -28.26 -28.25 -12.25
C LEU D 236 -29.18 -28.09 -11.03
N GLU D 237 -29.16 -26.93 -10.38
CA GLU D 237 -29.95 -26.71 -9.15
C GLU D 237 -31.41 -26.43 -9.47
N ASP D 238 -32.28 -27.06 -8.70
CA ASP D 238 -33.72 -26.72 -8.70
C ASP D 238 -34.05 -25.82 -7.48
N SER D 239 -34.21 -24.52 -7.74
CA SER D 239 -34.51 -23.55 -6.67
C SER D 239 -35.13 -22.29 -7.26
N GLU D 240 -35.65 -21.40 -6.44
CA GLU D 240 -36.28 -20.16 -6.92
C GLU D 240 -35.31 -19.26 -7.69
N GLU D 241 -34.02 -19.32 -7.36
CA GLU D 241 -33.03 -18.41 -7.85
C GLU D 241 -32.37 -18.90 -9.15
N GLU D 242 -32.43 -20.21 -9.42
CA GLU D 242 -31.82 -20.74 -10.64
C GLU D 242 -32.90 -21.18 -11.61
N ILE D 243 -32.46 -21.42 -12.85
CA ILE D 243 -33.38 -21.73 -13.92
C ILE D 243 -33.96 -23.10 -13.84
N GLY D 244 -33.13 -24.10 -13.60
CA GLY D 244 -33.61 -25.47 -13.35
C GLY D 244 -32.71 -26.60 -13.85
N THR D 245 -32.93 -27.79 -13.32
CA THR D 245 -32.21 -28.97 -13.76
C THR D 245 -32.11 -29.13 -15.28
N ASN D 246 -33.20 -28.86 -16.00
CA ASN D 246 -33.25 -28.97 -17.47
C ASN D 246 -32.29 -28.09 -18.21
N PHE D 247 -32.14 -26.89 -17.74
CA PHE D 247 -31.16 -25.93 -18.22
C PHE D 247 -29.74 -26.51 -18.15
N GLY D 248 -29.40 -27.00 -16.98
CA GLY D 248 -28.09 -27.64 -16.76
C GLY D 248 -27.84 -28.89 -17.56
N GLU D 249 -28.86 -29.68 -17.67
CA GLU D 249 -28.80 -30.89 -18.50
C GLU D 249 -28.55 -30.56 -19.94
N ASP D 250 -29.30 -29.61 -20.48
CA ASP D 250 -29.12 -29.21 -21.88
C ASP D 250 -27.73 -28.65 -22.14
N ILE D 251 -27.23 -27.83 -21.20
CA ILE D 251 -25.90 -27.28 -21.27
C ILE D 251 -24.89 -28.36 -21.23
N LEU D 252 -25.08 -29.33 -20.36
CA LEU D 252 -24.17 -30.48 -20.30
C LEU D 252 -24.14 -31.28 -21.64
N ARG D 253 -25.27 -31.44 -22.29
CA ARG D 253 -25.29 -32.09 -23.58
C ARG D 253 -24.58 -31.31 -24.65
N MET D 254 -24.72 -30.00 -24.63
CA MET D 254 -23.95 -29.15 -25.52
C MET D 254 -22.48 -29.13 -25.23
N TYR D 255 -22.12 -29.13 -23.96
CA TYR D 255 -20.72 -29.05 -23.57
C TYR D 255 -20.02 -30.30 -24.05
N GLY D 256 -20.67 -31.48 -23.88
CA GLY D 256 -20.17 -32.78 -24.36
C GLY D 256 -19.00 -33.36 -23.57
N ASN D 257 -18.70 -34.62 -23.81
CA ASN D 257 -17.49 -35.26 -23.26
C ASN D 257 -17.48 -35.10 -21.73
N ILE D 258 -18.63 -35.30 -21.11
CA ILE D 258 -18.72 -35.27 -19.68
C ILE D 258 -19.79 -36.25 -19.20
N ASP D 259 -19.52 -36.92 -18.10
CA ASP D 259 -20.41 -37.85 -17.50
C ASP D 259 -21.51 -37.09 -16.73
N ILE D 260 -22.70 -37.05 -17.29
CA ILE D 260 -23.80 -36.29 -16.72
C ILE D 260 -24.24 -36.89 -15.39
N GLU D 261 -24.25 -38.21 -15.23
CA GLU D 261 -24.64 -38.79 -13.95
C GLU D 261 -23.70 -38.39 -12.82
N LYS D 262 -22.41 -38.30 -13.09
CA LYS D 262 -21.44 -37.81 -12.11
C LYS D 262 -21.55 -36.34 -11.82
N ALA D 263 -21.80 -35.54 -12.83
CA ALA D 263 -22.09 -34.15 -12.58
C ALA D 263 -23.25 -33.99 -11.62
N LYS D 264 -24.28 -34.81 -11.77
CA LYS D 264 -25.40 -34.77 -10.85
C LYS D 264 -25.11 -35.33 -9.52
N GLU D 265 -24.28 -36.38 -9.41
CA GLU D 265 -23.84 -36.88 -8.11
C GLU D 265 -23.08 -35.76 -7.38
N TYR D 266 -22.23 -35.02 -8.06
CA TYR D 266 -21.42 -33.98 -7.45
C TYR D 266 -22.37 -32.89 -6.95
N GLN D 267 -23.27 -32.43 -7.80
CA GLN D 267 -24.23 -31.45 -7.30
C GLN D 267 -25.03 -31.96 -6.08
N ASP D 268 -25.36 -33.24 -6.07
CA ASP D 268 -26.23 -33.80 -5.01
C ASP D 268 -25.42 -33.86 -3.67
N ILE D 269 -24.15 -34.19 -3.71
CA ILE D 269 -23.28 -34.16 -2.57
C ILE D 269 -23.08 -32.74 -2.00
N VAL D 270 -22.86 -31.75 -2.87
CA VAL D 270 -22.74 -30.37 -2.44
C VAL D 270 -24.03 -29.91 -1.83
N GLU D 271 -25.15 -30.28 -2.40
CA GLU D 271 -26.45 -29.95 -1.82
C GLU D 271 -26.64 -30.66 -0.48
N GLU D 272 -26.20 -31.90 -0.32
CA GLU D 272 -26.30 -32.57 1.00
C GLU D 272 -25.46 -31.80 2.02
N TYR D 273 -24.32 -31.26 1.62
CA TYR D 273 -23.46 -30.51 2.51
C TYR D 273 -23.99 -29.16 2.99
N TYR D 274 -24.90 -28.56 2.24
CA TYR D 274 -25.33 -27.19 2.48
C TYR D 274 -25.70 -26.86 3.93
N PRO D 275 -26.54 -27.62 4.58
CA PRO D 275 -26.83 -27.31 5.97
C PRO D 275 -25.63 -27.36 6.91
N ILE D 276 -24.66 -28.23 6.62
CA ILE D 276 -23.50 -28.38 7.46
C ILE D 276 -22.63 -27.16 7.22
N GLU D 277 -22.49 -26.76 5.96
CA GLU D 277 -21.73 -25.55 5.60
C GLU D 277 -22.28 -24.32 6.32
N THR D 278 -23.59 -24.24 6.42
CA THR D 278 -24.29 -23.15 7.06
C THR D 278 -23.96 -23.14 8.56
N ILE D 279 -24.02 -24.30 9.22
CA ILE D 279 -23.66 -24.39 10.64
C ILE D 279 -22.22 -23.95 10.89
N VAL D 280 -21.30 -24.45 10.07
CA VAL D 280 -19.90 -24.12 10.20
C VAL D 280 -19.63 -22.61 10.05
N TYR D 281 -20.29 -21.97 9.08
CA TYR D 281 -20.19 -20.54 8.90
C TYR D 281 -20.59 -19.82 10.22
N GLY D 282 -21.67 -20.27 10.81
CA GLY D 282 -22.12 -19.73 12.08
C GLY D 282 -21.15 -19.92 13.24
N ILE D 283 -20.45 -21.04 13.28
CA ILE D 283 -19.48 -21.26 14.31
C ILE D 283 -18.33 -20.32 14.11
N LYS D 284 -17.75 -20.33 12.91
CA LYS D 284 -16.54 -19.58 12.63
C LYS D 284 -16.74 -18.08 12.83
N ASN D 285 -17.95 -17.57 12.53
CA ASN D 285 -18.20 -16.13 12.61
C ASN D 285 -19.08 -15.78 13.79
N ILE D 286 -19.27 -16.72 14.71
CA ILE D 286 -20.06 -16.48 15.90
C ILE D 286 -21.41 -15.89 15.50
N LYS D 287 -22.11 -16.54 14.59
CA LYS D 287 -23.47 -16.13 14.26
C LYS D 287 -24.49 -17.22 14.49
N GLN D 288 -25.16 -17.13 15.64
CA GLN D 288 -26.08 -18.16 16.10
C GLN D 288 -27.22 -18.42 15.09
N GLU D 289 -27.68 -17.36 14.42
CA GLU D 289 -28.76 -17.42 13.43
C GLU D 289 -28.45 -18.50 12.35
N PHE D 290 -27.18 -18.60 11.96
CA PHE D 290 -26.75 -19.59 10.96
C PHE D 290 -26.65 -21.04 11.52
N ILE D 291 -26.20 -21.17 12.76
CA ILE D 291 -26.18 -22.48 13.39
C ILE D 291 -27.61 -23.01 13.46
N GLU D 292 -28.55 -22.15 13.89
CA GLU D 292 -29.96 -22.52 13.97
C GLU D 292 -30.55 -22.86 12.58
N ASN D 293 -30.29 -22.04 11.55
CA ASN D 293 -30.83 -22.33 10.21
C ASN D 293 -30.38 -23.67 9.66
N GLY D 294 -29.09 -24.00 9.84
CA GLY D 294 -28.61 -25.25 9.30
C GLY D 294 -29.18 -26.45 10.04
N ARG D 295 -29.29 -26.33 11.35
CA ARG D 295 -29.83 -27.40 12.15
C ARG D 295 -31.26 -27.67 11.78
N LYS D 296 -32.04 -26.60 11.61
CA LYS D 296 -33.42 -26.77 11.21
C LYS D 296 -33.53 -27.42 9.85
N GLU D 297 -32.61 -27.03 8.96
CA GLU D 297 -32.62 -27.56 7.61
C GLU D 297 -32.34 -29.09 7.60
N ILE D 298 -31.47 -29.53 8.51
CA ILE D 298 -31.26 -30.95 8.70
C ILE D 298 -32.51 -31.69 9.08
N TYR D 299 -33.29 -31.15 10.02
CA TYR D 299 -34.61 -31.74 10.37
C TYR D 299 -35.54 -31.77 9.16
N LYS D 300 -35.57 -30.71 8.35
CA LYS D 300 -36.45 -30.73 7.18
C LYS D 300 -36.05 -31.83 6.20
N ARG D 301 -34.78 -31.90 5.90
CA ARG D 301 -34.26 -32.92 5.02
C ARG D 301 -34.45 -34.35 5.55
N THR D 302 -34.34 -34.65 6.84
CA THR D 302 -34.94 -35.91 7.34
C THR D 302 -36.51 -35.85 7.11
PG GNP E . 18.97 13.15 3.13
PG GNP E . 15.79 10.58 3.01
O1G GNP E . 20.20 12.50 3.59
O1G GNP E . 16.57 9.96 4.07
O2G GNP E . 19.07 14.63 2.45
O2G GNP E . 14.21 10.19 2.94
O3G GNP E . 17.90 13.36 4.25
O3G GNP E . 15.51 12.05 3.30
N3B GNP E . 18.37 12.20 1.92
N3B GNP E . 16.54 10.74 1.57
PB GNP E . 16.87 12.07 1.24
PB GNP E . 17.46 11.98 1.02
O1B GNP E . 16.47 10.68 1.09
O1B GNP E . 17.70 12.99 2.05
O2B GNP E . 15.73 12.68 2.12
O2B GNP E . 18.88 11.52 0.53
O3A GNP E . 16.85 12.82 -0.12
O3A GNP E . 16.64 12.79 -0.07
PA GNP E . 16.47 14.26 -0.64
O1A GNP E . 17.32 15.27 0.05
O2A GNP E . 15.03 14.53 -0.48
O5' GNP E . 16.90 14.28 -2.21
C5' GNP E . 18.15 13.74 -2.51
C4' GNP E . 18.84 14.66 -3.47
O4' GNP E . 18.11 14.70 -4.71
C3' GNP E . 18.97 16.12 -3.06
O3' GNP E . 20.16 16.27 -2.33
C2' GNP E . 19.15 16.80 -4.39
O2' GNP E . 20.49 16.54 -4.86
C1' GNP E . 18.14 16.00 -5.24
N9 GNP E . 16.77 16.50 -5.28
C8 GNP E . 15.66 16.00 -4.65
N7 GNP E . 14.56 16.69 -4.91
C5 GNP E . 14.99 17.68 -5.77
C6 GNP E . 14.28 18.74 -6.40
O6 GNP E . 13.12 19.08 -6.28
N1 GNP E . 15.09 19.50 -7.20
C2 GNP E . 16.42 19.27 -7.37
N2 GNP E . 17.07 20.11 -8.18
N3 GNP E . 17.10 18.29 -6.77
C4 GNP E . 16.34 17.56 -6.00
MG MG F . 18.29 15.64 1.69
MG MG G . 15.81 13.71 3.92
CL CL H . 32.78 -0.94 17.76
PG GNP I . 26.95 -14.99 -20.16
O1G GNP I . 27.36 -13.62 -20.51
O2G GNP I . 27.81 -16.33 -19.68
O3G GNP I . 25.75 -15.47 -21.32
N3B GNP I . 26.13 -14.64 -18.76
PB GNP I . 24.71 -15.05 -18.08
O1B GNP I . 23.61 -14.14 -18.30
O2B GNP I . 23.98 -16.09 -19.19
O3A GNP I . 24.78 -16.11 -16.79
PA GNP I . 25.55 -17.49 -16.50
O1A GNP I . 26.76 -17.65 -17.35
O2A GNP I . 24.40 -18.52 -16.75
O5' GNP I . 25.72 -17.17 -15.00
C5' GNP I . 26.61 -16.12 -14.61
C4' GNP I . 27.62 -16.60 -13.62
O4' GNP I . 26.99 -17.10 -12.40
C3' GNP I . 28.48 -17.73 -14.07
O3' GNP I . 29.46 -17.28 -14.95
C2' GNP I . 29.01 -18.24 -12.75
O2' GNP I . 29.93 -17.36 -12.17
C1' GNP I . 27.73 -18.18 -11.88
N9 GNP I . 26.83 -19.41 -11.88
C8 GNP I . 25.65 -19.60 -12.57
N7 GNP I . 25.12 -20.74 -12.32
C5 GNP I . 26.00 -21.35 -11.44
C6 GNP I . 26.01 -22.70 -10.82
O6 GNP I . 25.18 -23.63 -10.90
N1 GNP I . 27.16 -22.97 -10.07
C2 GNP I . 28.16 -22.05 -9.85
N2 GNP I . 29.23 -22.46 -9.18
N3 GNP I . 28.16 -20.82 -10.37
C4 GNP I . 27.07 -20.59 -11.20
MG MG J . 27.75 -17.55 -18.82
MG MG K . 24.72 -16.98 -21.15
CL CL L . 31.15 5.86 -33.56
PG GNP M . -24.75 15.04 20.00
PG GNP M . -20.92 15.06 18.27
O1G GNP M . -25.88 15.03 19.07
O1G GNP M . -21.83 16.02 17.61
O2G GNP M . -25.25 15.32 21.48
O2G GNP M . -19.44 14.99 17.61
O3G GNP M . -23.81 16.29 19.65
O3G GNP M . -20.85 15.62 19.79
N3B GNP M . -23.85 13.68 19.91
N3B GNP M . -21.34 13.50 18.48
PB GNP M . -22.22 13.52 19.85
PB GNP M . -22.33 12.95 19.65
O1B GNP M . -21.70 13.14 18.54
O1B GNP M . -23.07 14.06 20.22
O2B GNP M . -21.66 14.95 20.35
O2B GNP M . -23.49 12.06 19.14
O3A GNP M . -21.64 12.28 20.78
O3A GNP M . -21.55 12.05 20.76
PA GNP M . -21.81 12.06 22.36
O1A GNP M . -23.09 12.75 22.77
O2A GNP M . -20.49 12.56 22.88
O5' GNP M . -21.80 10.48 22.38
C5' GNP M . -22.75 9.78 21.59
C4' GNP M . -23.32 8.72 22.46
O4' GNP M . -22.26 7.81 22.84
C3' GNP M . -23.87 9.24 23.77
O3' GNP M . -25.24 9.66 23.74
C2' GNP M . -23.81 8.01 24.62
O2' GNP M . -24.85 7.19 24.20
C1' GNP M . -22.50 7.36 24.17
N9 GNP M . -21.39 7.75 25.05
C8 GNP M . -20.39 8.65 24.79
N7 GNP M . -19.53 8.72 25.75
C5 GNP M . -19.96 7.81 26.70
C6 GNP M . -19.40 7.40 28.05
O6 GNP M . -18.46 7.85 28.67
N1 GNP M . -20.22 6.52 28.69
C2 GNP M . -21.41 6.07 28.19
N2 GNP M . -22.08 5.25 28.96
N3 GNP M . -21.91 6.41 27.00
C4 GNP M . -21.12 7.25 26.30
MG MG N . -24.42 14.03 22.78
MG MG O . -22.04 16.75 20.81
CL CL P . -38.01 24.39 1.22
MG MG Q . -25.79 -0.04 46.15
PG GNP R . -20.82 -13.44 -3.66
O1G GNP R . -21.57 -13.89 -2.50
O2G GNP R . -21.59 -13.39 -5.13
O3G GNP R . -19.61 -14.49 -3.74
N3B GNP R . -20.30 -11.89 -3.40
PB GNP R . -19.01 -11.02 -3.94
O1B GNP R . -18.16 -10.57 -2.85
O2B GNP R . -18.09 -12.04 -4.70
O3A GNP R . -19.37 -9.90 -5.09
PA GNP R . -19.71 -10.04 -6.64
O1A GNP R . -20.73 -11.12 -6.81
O2A GNP R . -18.43 -10.09 -7.46
O5' GNP R . -20.21 -8.57 -6.74
C5' GNP R . -21.35 -8.22 -5.93
C4' GNP R . -22.43 -7.62 -6.79
O4' GNP R . -21.91 -6.45 -7.46
C3' GNP R . -22.91 -8.52 -7.93
O3' GNP R . -23.92 -9.43 -7.60
C2' GNP R . -23.52 -7.49 -8.87
O2' GNP R . -24.80 -7.24 -8.32
C1' GNP R . -22.52 -6.33 -8.73
N9 GNP R . -21.47 -6.37 -9.74
C8 GNP R . -20.15 -6.72 -9.58
N7 GNP R . -19.44 -6.64 -10.69
C5 GNP R . -20.34 -6.19 -11.64
C6 GNP R . -20.18 -5.88 -13.01
O6 GNP R . -19.15 -5.84 -13.65
N1 GNP R . -21.38 -5.53 -13.61
C2 GNP R . -22.58 -5.41 -12.94
N2 GNP R . -23.60 -4.97 -13.65
N3 GNP R . -22.74 -5.64 -11.65
C4 GNP R . -21.62 -6.04 -11.06
C11 LIV S . -27.73 -22.01 -2.46
O11 LIV S . -27.24 -21.64 -3.75
C21 LIV S . -28.02 -23.52 -2.24
N21 LIV S . -27.08 -24.42 -2.91
C31 LIV S . -29.48 -23.87 -2.56
C41 LIV S . -30.49 -22.89 -1.98
O41 LIV S . -31.80 -23.26 -2.44
C51 LIV S . -30.12 -21.52 -2.48
O51 LIV S . -28.79 -21.15 -2.05
C61 LIV S . -31.07 -20.48 -1.89
O61 LIV S . -30.37 -19.34 -1.39
C12 LIV S . -24.97 -18.51 -5.49
N12 LIV S . -24.42 -17.24 -5.98
C62 LIV S . -24.65 -18.81 -4.00
O62 LIV S . -23.23 -18.71 -3.80
C52 LIV S . -25.18 -20.21 -3.61
O52 LIV S . -19.72 -21.05 -0.07
O52 LIV S . -24.94 -20.58 -2.23
C42 LIV S . -26.69 -20.31 -3.91
C32 LIV S . -27.03 -19.99 -5.37
N32 LIV S . -28.48 -20.08 -5.60
C22 LIV S . -26.48 -18.59 -5.72
C13 LIV S . -20.44 -20.50 -1.14
C13 LIV S . -23.73 -20.27 -1.51
C23 LIV S . -21.90 -20.24 -0.71
C23 LIV S . -23.04 -21.57 -1.10
O23 LIV S . -22.75 -21.39 -0.75
O23 LIV S . -23.49 -22.01 0.18
C33 LIV S . -22.25 -19.05 -1.63
C33 LIV S . -21.54 -21.21 -1.16
C43 LIV S . -20.91 -18.76 -2.33
C43 LIV S . -21.56 -19.70 -1.42
O43 LIV S . -19.91 -19.20 -1.38
O43 LIV S . -22.75 -19.55 -2.25
C53 LIV S . -20.71 -17.32 -2.69
C53 LIV S . -20.34 -19.12 -2.13
O53 LIV S . -21.84 -16.86 -3.43
O53 LIV S . -20.07 -17.72 -1.88
C44 LIV S . -26.22 -21.34 -3.50
O44 LIV S . -27.56 -21.82 -3.20
C34 LIV S . -26.15 -19.86 -3.86
O34 LIV S . -27.20 -19.55 -4.80
C24 LIV S . -24.76 -19.61 -4.49
N24 LIV S . -24.64 -18.27 -5.13
C14 LIV S . -23.61 -20.04 -3.54
O33 LIV S . -23.33 -19.00 -2.60
O33 LIV S . -20.72 -21.48 -0.01
C54 LIV S . -25.13 -21.74 -2.50
O54 LIV S . -23.80 -21.34 -2.95
C64 LIV S . -25.34 -21.17 -1.11
N64 LIV S . -24.39 -21.84 -0.23
C15 LIV S . -27.80 -22.58 -2.01
C25 LIV S . -28.65 -23.81 -2.33
C35 LIV S . -30.06 -23.42 -2.80
C45 LIV S . -30.69 -22.35 -1.91
C55 LIV S . -29.72 -21.21 -1.61
C65 LIV S . -30.23 -20.21 -0.59
O25 LIV S . -28.76 -24.66 -1.20
O35 LIV S . -30.89 -24.58 -2.84
O45 LIV S . -31.84 -21.81 -2.57
O55 LIV S . -28.49 -21.74 -1.09
O65 LIV S . -29.14 -19.54 0.05
MG MG T . -21.30 -12.87 -6.64
MG MG U . -18.00 -14.18 -4.96
#